data_1S5D
#
_entry.id   1S5D
#
_cell.length_a   60.055
_cell.length_b   111.904
_cell.length_c   124.656
_cell.angle_alpha   90.00
_cell.angle_beta   90.00
_cell.angle_gamma   90.00
#
_symmetry.space_group_name_H-M   'P 21 21 21'
#
loop_
_entity.id
_entity.type
_entity.pdbx_description
1 polymer 'Cholera enterotoxin, A chain'
2 polymer 'cholera toxin B protein (CTB)'
3 non-polymer 'SODIUM ION'
4 non-polymer GLYCEROL
5 non-polymer beta-D-galactopyranose
6 water water
#
loop_
_entity_poly.entity_id
_entity_poly.type
_entity_poly.pdbx_seq_one_letter_code
_entity_poly.pdbx_strand_id
1 'polypeptide(L)'
;NDDKLYRADSRPPDEIKQSGGLMPRGQSESFDRGTQMNINLYDHARGTQTGFVRHDDGYVSTSISLRSAHLVGQTILSGH
STYYIYVIATAPNMFNVNDVLGAYSPHPDEQEVSALGGIPYSQIYGWYRVHFGVLDEQLHRNRGYRDRYYSNLDIAPAAD
GYGLAGFPPEHRAWREEPWIHHAPPGCGNAPRSSMSNTCDEKTQSLGVKFLDEYQSKVKRQIFSGYQSDIDTHNRIKDEL
;
A
2 'polypeptide(L)'
;TPQNITDLCAEYHNTQIHTLNDKIFSYTESLAGKREMAIITFKNGATFQVEVPGSQHIDSQKKAIERMKDTLRIAYLTEA
KVEKLCVWNNKTPHAIAAISMAN
;
D,E,F,G,H
#
loop_
_chem_comp.id
_chem_comp.type
_chem_comp.name
_chem_comp.formula
GAL D-saccharide, beta linking beta-D-galactopyranose 'C6 H12 O6'
GOL non-polymer GLYCEROL 'C3 H8 O3'
NA non-polymer 'SODIUM ION' 'Na 1'
#
# COMPACT_ATOMS: atom_id res chain seq x y z
N ASN A 1 -0.53 -10.62 20.77
CA ASN A 1 -0.92 -9.60 21.78
C ASN A 1 -0.03 -8.34 21.62
N ASP A 2 -0.24 -7.33 22.47
CA ASP A 2 0.44 -6.03 22.31
C ASP A 2 1.75 -5.88 23.10
N ASP A 3 2.35 -7.00 23.50
CA ASP A 3 3.61 -7.00 24.22
C ASP A 3 4.70 -6.30 23.41
N LYS A 4 5.58 -5.60 24.11
CA LYS A 4 6.69 -4.90 23.46
C LYS A 4 8.05 -5.45 23.88
N LEU A 5 9.00 -5.31 22.98
CA LEU A 5 10.38 -5.63 23.20
C LEU A 5 11.18 -4.32 23.08
N TYR A 6 12.44 -4.33 23.50
CA TYR A 6 13.22 -3.10 23.64
C TYR A 6 14.69 -3.28 23.23
N ARG A 7 15.23 -2.30 22.51
CA ARG A 7 16.62 -2.40 22.07
C ARG A 7 17.29 -1.03 22.01
N ALA A 8 18.41 -0.91 22.72
CA ALA A 8 19.24 0.29 22.62
C ALA A 8 20.10 0.23 21.36
N ASP A 9 20.21 1.36 20.69
CA ASP A 9 20.91 1.41 19.43
C ASP A 9 21.32 2.85 19.16
N SER A 10 22.57 3.06 18.75
CA SER A 10 23.04 4.39 18.36
C SER A 10 22.50 4.89 17.02
N ARG A 11 22.03 3.98 16.17
CA ARG A 11 21.49 4.39 14.88
C ARG A 11 20.19 5.16 15.07
N PRO A 12 20.14 6.40 14.59
CA PRO A 12 19.00 7.27 14.90
C PRO A 12 17.77 6.97 14.01
N PRO A 13 16.61 7.43 14.43
CA PRO A 13 15.37 7.14 13.69
C PRO A 13 15.39 7.44 12.18
N ASP A 14 16.00 8.55 11.76
CA ASP A 14 16.05 8.87 10.33
C ASP A 14 16.80 7.78 9.56
N GLU A 15 17.92 7.30 10.13
CA GLU A 15 18.67 6.20 9.54
C GLU A 15 17.81 4.94 9.49
N ILE A 16 17.11 4.63 10.57
CA ILE A 16 16.28 3.43 10.61
C ILE A 16 15.21 3.48 9.51
N LYS A 17 14.58 4.63 9.35
CA LYS A 17 13.58 4.76 8.29
C LYS A 17 14.23 4.53 6.93
N GLN A 18 15.35 5.20 6.68
CA GLN A 18 16.04 5.05 5.40
C GLN A 18 16.44 3.59 5.14
N SER A 19 16.79 2.86 6.20
CA SER A 19 17.26 1.49 6.07
C SER A 19 16.12 0.47 6.06
N GLY A 20 14.90 0.93 6.31
CA GLY A 20 13.75 0.04 6.35
C GLY A 20 13.61 -0.70 7.68
N GLY A 21 14.33 -0.26 8.70
CA GLY A 21 14.26 -0.87 10.01
C GLY A 21 15.63 -1.00 10.67
N LEU A 22 15.70 -1.82 11.70
CA LEU A 22 16.93 -2.10 12.42
C LEU A 22 17.56 -3.33 11.79
N MET A 23 18.63 -3.15 11.04
CA MET A 23 19.14 -4.30 10.32
CA MET A 23 19.25 -4.24 10.25
C MET A 23 20.33 -4.97 11.02
N PRO A 24 20.55 -6.24 10.69
CA PRO A 24 21.71 -6.97 11.17
C PRO A 24 22.98 -6.41 10.51
N ARG A 25 24.14 -6.69 11.07
CA ARG A 25 25.39 -6.13 10.55
C ARG A 25 25.65 -6.47 9.09
N GLY A 26 25.43 -7.71 8.72
CA GLY A 26 25.89 -8.24 7.44
C GLY A 26 24.98 -7.96 6.25
N GLN A 27 23.95 -7.15 6.44
CA GLN A 27 22.97 -6.93 5.38
C GLN A 27 23.44 -6.01 4.26
N SER A 28 24.07 -4.90 4.62
CA SER A 28 24.51 -3.88 3.63
C SER A 28 25.30 -4.47 2.47
N GLN A 36 23.38 -13.20 -0.16
CA GLN A 36 22.63 -13.44 1.09
C GLN A 36 23.56 -13.47 2.31
N MET A 37 23.23 -12.68 3.31
CA MET A 37 24.03 -12.60 4.52
C MET A 37 23.92 -13.92 5.27
N ASN A 38 24.90 -14.21 6.11
CA ASN A 38 24.85 -15.38 6.97
C ASN A 38 23.75 -15.23 8.02
N ILE A 39 22.90 -16.25 8.13
CA ILE A 39 21.84 -16.30 9.12
C ILE A 39 22.07 -17.52 9.99
N ASN A 40 22.45 -17.29 11.24
CA ASN A 40 22.73 -18.39 12.15
C ASN A 40 22.57 -17.98 13.60
N LEU A 41 21.59 -18.56 14.28
CA LEU A 41 21.19 -18.09 15.61
C LEU A 41 22.30 -18.35 16.66
N TYR A 42 22.88 -19.54 16.63
CA TYR A 42 23.95 -19.90 17.54
C TYR A 42 25.14 -18.96 17.39
N ASP A 43 25.55 -18.68 16.15
CA ASP A 43 26.62 -17.71 15.92
C ASP A 43 26.25 -16.31 16.41
N HIS A 44 25.03 -15.88 16.09
CA HIS A 44 24.58 -14.57 16.54
C HIS A 44 24.64 -14.45 18.05
N ALA A 45 24.16 -15.47 18.73
CA ALA A 45 23.98 -15.41 20.17
C ALA A 45 25.34 -15.38 20.87
N ARG A 46 26.35 -15.96 20.22
CA ARG A 46 27.70 -16.01 20.77
C ARG A 46 28.56 -14.79 20.43
N GLY A 47 28.08 -13.98 19.49
CA GLY A 47 28.78 -12.78 19.07
C GLY A 47 29.02 -11.80 20.21
N THR A 48 30.16 -11.11 20.19
CA THR A 48 30.58 -10.28 21.32
C THR A 48 30.10 -8.84 21.21
N THR A 50 30.32 -5.06 19.99
CA THR A 50 31.20 -3.92 20.28
C THR A 50 30.66 -2.65 19.62
N GLY A 51 30.16 -1.73 20.44
CA GLY A 51 29.42 -0.58 19.94
C GLY A 51 27.99 -0.92 19.57
N PHE A 52 27.63 -2.20 19.57
CA PHE A 52 26.28 -2.63 19.23
C PHE A 52 25.80 -3.73 20.15
N VAL A 53 24.54 -3.63 20.56
CA VAL A 53 23.80 -4.78 21.08
C VAL A 53 23.78 -5.83 19.97
N ARG A 54 23.95 -7.09 20.34
CA ARG A 54 24.16 -8.16 19.36
C ARG A 54 23.30 -7.99 18.11
N HIS A 55 23.95 -7.96 16.95
CA HIS A 55 23.22 -7.83 15.69
C HIS A 55 23.93 -8.47 14.51
N ASP A 56 24.82 -9.44 14.77
CA ASP A 56 25.50 -10.13 13.68
C ASP A 56 24.85 -11.46 13.33
N ASP A 57 25.27 -12.00 12.18
CA ASP A 57 24.86 -13.31 11.72
C ASP A 57 23.35 -13.42 11.56
N GLY A 58 22.78 -12.33 11.04
CA GLY A 58 21.46 -12.36 10.45
C GLY A 58 20.33 -12.07 11.40
N TYR A 59 20.63 -11.81 12.66
CA TYR A 59 19.61 -11.51 13.66
C TYR A 59 19.87 -10.19 14.39
N VAL A 60 18.82 -9.60 14.96
CA VAL A 60 18.95 -8.39 15.75
C VAL A 60 18.29 -8.63 17.12
N SER A 61 19.07 -8.46 18.17
CA SER A 61 18.67 -8.83 19.51
C SER A 61 17.91 -7.70 20.19
N THR A 62 17.00 -8.10 21.08
CA THR A 62 16.22 -7.19 21.91
C THR A 62 16.09 -7.75 23.33
N SER A 63 15.67 -6.88 24.23
CA SER A 63 15.35 -7.22 25.63
C SER A 63 13.83 -7.25 25.88
N ILE A 64 13.41 -7.95 26.93
CA ILE A 64 12.00 -8.09 27.24
C ILE A 64 11.43 -6.99 28.14
N SER A 65 12.27 -6.03 28.50
CA SER A 65 11.82 -4.88 29.29
C SER A 65 12.69 -3.67 28.97
N LEU A 66 12.10 -2.51 29.21
CA LEU A 66 12.78 -1.24 29.00
C LEU A 66 13.98 -1.12 29.95
N ARG A 67 13.79 -1.51 31.20
CA ARG A 67 14.85 -1.49 32.20
C ARG A 67 16.07 -2.29 31.73
N SER A 68 15.82 -3.52 31.27
CA SER A 68 16.89 -4.37 30.79
C SER A 68 17.59 -3.78 29.58
N ALA A 69 16.82 -3.23 28.65
CA ALA A 69 17.40 -2.65 27.45
C ALA A 69 18.27 -1.44 27.81
N HIS A 70 17.81 -0.66 28.76
CA HIS A 70 18.56 0.53 29.19
C HIS A 70 19.88 0.13 29.85
N LEU A 71 19.83 -0.89 30.72
CA LEU A 71 21.04 -1.38 31.38
C LEU A 71 22.05 -1.93 30.37
N VAL A 72 21.56 -2.65 29.37
CA VAL A 72 22.44 -3.17 28.33
C VAL A 72 23.06 -2.01 27.54
N GLY A 73 22.26 -1.00 27.25
CA GLY A 73 22.71 0.17 26.51
C GLY A 73 23.80 0.94 27.24
N GLN A 74 23.65 1.06 28.55
CA GLN A 74 24.66 1.75 29.36
C GLN A 74 25.99 1.00 29.42
N THR A 75 25.96 -0.32 29.25
CA THR A 75 27.18 -1.12 29.16
C THR A 75 27.87 -0.94 27.81
N ILE A 76 27.10 -0.98 26.72
CA ILE A 76 27.65 -0.97 25.36
C ILE A 76 27.78 0.43 24.74
N LEU A 77 26.85 1.32 25.06
CA LEU A 77 26.75 2.62 24.38
C LEU A 77 27.01 3.82 25.29
N SER A 78 27.61 3.58 26.46
CA SER A 78 28.10 4.68 27.28
C SER A 78 29.16 5.39 26.44
N GLY A 79 29.19 6.70 26.49
CA GLY A 79 30.11 7.42 25.62
C GLY A 79 29.45 7.83 24.33
N HIS A 80 28.22 7.37 24.07
CA HIS A 80 27.37 8.01 23.07
C HIS A 80 26.56 9.07 23.82
N SER A 81 26.75 10.33 23.45
CA SER A 81 26.02 11.43 24.07
C SER A 81 24.51 11.34 23.79
N THR A 82 24.16 10.75 22.65
CA THR A 82 22.77 10.45 22.32
C THR A 82 22.68 9.04 21.74
N TYR A 83 21.78 8.23 22.28
CA TYR A 83 21.38 7.00 21.62
C TYR A 83 19.88 6.81 21.84
N TYR A 84 19.33 5.74 21.29
CA TYR A 84 17.89 5.56 21.30
C TYR A 84 17.56 4.20 21.89
N ILE A 85 16.38 4.10 22.50
CA ILE A 85 15.84 2.78 22.82
C ILE A 85 14.56 2.61 22.01
N TYR A 86 14.60 1.68 21.09
CA TYR A 86 13.50 1.38 20.22
C TYR A 86 12.55 0.43 20.92
N VAL A 87 11.25 0.74 20.80
CA VAL A 87 10.18 -0.06 21.35
C VAL A 87 9.56 -0.84 20.17
N ILE A 88 9.59 -2.16 20.29
CA ILE A 88 9.38 -3.06 19.16
C ILE A 88 8.21 -4.01 19.46
N ALA A 89 7.32 -4.17 18.49
CA ALA A 89 6.22 -5.13 18.65
C ALA A 89 6.70 -6.57 18.51
N THR A 90 6.01 -7.48 19.19
CA THR A 90 6.24 -8.89 19.00
C THR A 90 5.59 -9.36 17.70
N ALA A 91 6.30 -10.22 17.01
CA ALA A 91 5.82 -10.82 15.77
C ALA A 91 6.64 -12.09 15.53
N PRO A 92 6.17 -12.95 14.64
CA PRO A 92 6.79 -14.27 14.44
C PRO A 92 8.13 -14.32 13.68
N ASN A 93 8.79 -13.19 13.51
CA ASN A 93 10.23 -13.16 13.15
C ASN A 93 11.15 -13.21 14.38
N MET A 94 10.55 -13.23 15.57
CA MET A 94 11.28 -13.12 16.84
C MET A 94 11.41 -14.48 17.50
N PHE A 95 12.61 -14.80 18.00
CA PHE A 95 12.81 -16.05 18.71
C PHE A 95 13.34 -15.78 20.10
N ASN A 96 12.80 -16.47 21.07
CA ASN A 96 13.34 -16.44 22.41
C ASN A 96 14.59 -17.31 22.41
N VAL A 97 15.75 -16.67 22.58
CA VAL A 97 17.03 -17.34 22.36
C VAL A 97 17.21 -18.47 23.36
N ASN A 98 16.88 -18.22 24.62
CA ASN A 98 16.98 -19.26 25.65
C ASN A 98 16.11 -20.48 25.36
N ASP A 99 14.93 -20.25 24.79
CA ASP A 99 14.05 -21.36 24.48
C ASP A 99 14.57 -22.17 23.31
N VAL A 100 15.12 -21.49 22.30
CA VAL A 100 15.54 -22.19 21.09
C VAL A 100 16.90 -22.89 21.29
N LEU A 101 17.84 -22.23 21.95
CA LEU A 101 19.17 -22.80 22.17
C LEU A 101 19.25 -23.65 23.46
N GLY A 102 18.21 -23.60 24.28
CA GLY A 102 18.14 -24.40 25.49
C GLY A 102 19.37 -24.28 26.37
N ALA A 103 19.88 -25.42 26.84
CA ALA A 103 21.06 -25.42 27.71
C ALA A 103 22.32 -24.87 27.03
N TYR A 104 22.28 -24.74 25.71
CA TYR A 104 23.43 -24.23 24.96
C TYR A 104 23.33 -22.73 24.69
N SER A 105 22.28 -22.08 25.20
CA SER A 105 22.21 -20.61 25.13
C SER A 105 23.41 -20.00 25.84
N PRO A 106 24.25 -19.26 25.14
CA PRO A 106 25.51 -18.77 25.72
C PRO A 106 25.38 -17.69 26.79
N HIS A 107 24.30 -16.92 26.80
CA HIS A 107 24.11 -15.84 27.76
C HIS A 107 22.67 -15.80 28.29
N PRO A 108 22.29 -16.84 29.03
CA PRO A 108 20.88 -17.03 29.44
C PRO A 108 20.34 -15.96 30.38
N ASP A 109 21.19 -15.35 31.19
CA ASP A 109 20.72 -14.31 32.11
C ASP A 109 20.23 -13.07 31.35
N GLU A 110 20.69 -12.88 30.10
CA GLU A 110 20.28 -11.74 29.27
C GLU A 110 18.84 -11.88 28.74
N GLN A 111 18.28 -13.08 28.75
CA GLN A 111 16.90 -13.32 28.33
C GLN A 111 16.55 -12.61 27.00
N GLU A 112 17.38 -12.82 25.98
CA GLU A 112 17.24 -12.12 24.71
C GLU A 112 16.19 -12.72 23.78
N VAL A 113 15.56 -11.85 23.02
CA VAL A 113 14.64 -12.23 21.95
C VAL A 113 15.21 -11.62 20.69
N SER A 114 15.46 -12.45 19.69
CA SER A 114 16.18 -12.00 18.49
C SER A 114 15.34 -12.15 17.22
N ALA A 115 15.42 -11.12 16.38
CA ALA A 115 14.62 -11.04 15.16
C ALA A 115 15.43 -11.53 13.98
N LEU A 116 14.95 -12.59 13.36
CA LEU A 116 15.59 -13.18 12.20
C LEU A 116 15.41 -12.24 11.02
N GLY A 117 16.54 -11.71 10.55
CA GLY A 117 16.56 -10.78 9.43
C GLY A 117 16.43 -9.32 9.83
N GLY A 118 16.40 -9.06 11.13
CA GLY A 118 16.25 -7.69 11.60
C GLY A 118 14.80 -7.30 11.87
N ILE A 119 14.61 -6.03 12.20
CA ILE A 119 13.31 -5.55 12.63
C ILE A 119 12.81 -4.52 11.63
N PRO A 120 11.82 -4.89 10.83
CA PRO A 120 11.24 -3.95 9.88
C PRO A 120 10.69 -2.70 10.57
N TYR A 121 10.75 -1.59 9.85
CA TYR A 121 10.30 -0.30 10.34
C TYR A 121 8.90 -0.34 10.89
N SER A 122 8.00 -1.05 10.22
CA SER A 122 6.59 -1.09 10.63
C SER A 122 6.38 -1.79 11.99
N GLN A 123 7.37 -2.59 12.41
CA GLN A 123 7.31 -3.32 13.67
C GLN A 123 7.81 -2.44 14.83
N ILE A 124 8.35 -1.27 14.51
CA ILE A 124 8.87 -0.37 15.52
C ILE A 124 7.76 0.59 15.96
N TYR A 125 7.32 0.42 17.21
CA TYR A 125 6.25 1.21 17.80
C TYR A 125 6.70 2.66 17.98
N GLY A 126 7.95 2.83 18.38
CA GLY A 126 8.45 4.15 18.73
C GLY A 126 9.81 4.08 19.36
N TRP A 127 10.28 5.19 19.92
CA TRP A 127 11.63 5.22 20.50
C TRP A 127 11.72 6.28 21.58
N TYR A 128 12.57 6.01 22.57
CA TYR A 128 12.99 6.99 23.55
C TYR A 128 14.37 7.48 23.21
N ARG A 129 14.66 8.75 23.52
CA ARG A 129 16.02 9.27 23.42
C ARG A 129 16.76 9.10 24.76
N VAL A 130 18.03 8.72 24.71
CA VAL A 130 18.86 8.63 25.90
C VAL A 130 19.96 9.67 25.72
N HIS A 131 19.98 10.68 26.59
CA HIS A 131 20.96 11.77 26.49
C HIS A 131 21.86 11.73 27.71
N PHE A 132 23.15 11.50 27.46
CA PHE A 132 24.16 11.36 28.51
C PHE A 132 23.74 10.29 29.51
N GLY A 133 23.21 9.19 28.98
CA GLY A 133 22.88 8.02 29.77
C GLY A 133 21.53 8.14 30.46
N VAL A 134 20.92 9.31 30.34
CA VAL A 134 19.66 9.58 31.01
C VAL A 134 18.49 9.35 30.06
N LEU A 135 17.67 8.37 30.40
CA LEU A 135 16.49 8.07 29.61
C LEU A 135 15.51 9.24 29.68
N ASP A 136 15.17 9.79 28.52
CA ASP A 136 14.14 10.81 28.43
C ASP A 136 12.78 10.09 28.40
N GLU A 137 11.84 10.52 29.24
CA GLU A 137 10.58 9.80 29.44
C GLU A 137 9.57 9.90 28.28
N GLN A 138 9.78 10.83 27.37
CA GLN A 138 8.87 11.02 26.24
C GLN A 138 9.07 9.97 25.14
N LEU A 139 8.05 9.16 24.90
CA LEU A 139 8.09 8.14 23.85
C LEU A 139 7.65 8.76 22.53
N HIS A 140 8.49 8.72 21.51
CA HIS A 140 8.14 9.24 20.18
C HIS A 140 7.50 8.11 19.39
N ARG A 141 6.35 8.36 18.80
CA ARG A 141 5.63 7.30 18.11
C ARG A 141 5.99 7.27 16.64
N ASN A 142 6.10 6.06 16.10
CA ASN A 142 6.47 5.82 14.73
C ASN A 142 5.23 5.79 13.85
N ARG A 143 5.19 6.67 12.86
CA ARG A 143 4.05 6.69 11.95
C ARG A 143 3.99 5.46 11.03
N GLY A 144 5.11 4.78 10.81
CA GLY A 144 5.16 3.55 10.03
C GLY A 144 4.60 2.32 10.74
N TYR A 145 4.34 2.48 12.03
CA TYR A 145 3.83 1.38 12.86
C TYR A 145 2.34 1.06 12.56
N ARG A 146 1.98 -0.22 12.75
CA ARG A 146 0.60 -0.67 12.53
C ARG A 146 0.15 -1.47 13.74
N ASP A 147 -0.66 -0.83 14.59
CA ASP A 147 -1.01 -1.42 15.88
C ASP A 147 -1.95 -2.61 15.82
N ARG A 148 -2.99 -2.54 15.01
CA ARG A 148 -3.89 -3.67 14.89
C ARG A 148 -3.15 -4.88 14.34
N TYR A 149 -2.35 -4.68 13.29
CA TYR A 149 -1.59 -5.77 12.70
C TYR A 149 -0.66 -6.45 13.68
N TYR A 150 0.18 -5.68 14.36
CA TYR A 150 1.20 -6.27 15.21
C TYR A 150 0.66 -6.71 16.59
N SER A 151 -0.42 -6.10 17.06
CA SER A 151 -1.00 -6.53 18.34
C SER A 151 -1.76 -7.84 18.19
N ASN A 152 -1.99 -8.27 16.94
CA ASN A 152 -2.60 -9.56 16.65
C ASN A 152 -1.56 -10.68 16.54
N LEU A 153 -0.29 -10.32 16.65
CA LEU A 153 0.81 -11.25 16.48
C LEU A 153 1.64 -11.42 17.75
N ASP A 154 2.34 -12.56 17.81
CA ASP A 154 3.26 -12.87 18.91
C ASP A 154 4.60 -13.34 18.38
N ILE A 155 5.58 -13.55 19.27
CA ILE A 155 6.85 -14.07 18.82
C ILE A 155 6.63 -15.47 18.28
N ALA A 156 7.60 -15.98 17.53
CA ALA A 156 7.53 -17.34 17.03
C ALA A 156 7.68 -18.33 18.19
N PRO A 157 6.93 -19.42 18.15
CA PRO A 157 7.12 -20.48 19.14
C PRO A 157 8.47 -21.15 18.94
N ALA A 158 9.06 -21.65 20.01
CA ALA A 158 10.39 -22.24 19.94
C ALA A 158 10.46 -23.38 18.90
N ALA A 159 9.35 -24.09 18.71
CA ALA A 159 9.27 -25.20 17.74
C ALA A 159 9.58 -24.74 16.33
N ASP A 160 9.35 -23.46 16.02
CA ASP A 160 9.66 -22.93 14.70
C ASP A 160 11.12 -22.57 14.56
N GLY A 161 11.85 -22.58 15.68
CA GLY A 161 13.25 -22.19 15.73
C GLY A 161 14.26 -23.31 15.95
N TYR A 162 13.84 -24.45 16.51
CA TYR A 162 14.80 -25.52 16.84
C TYR A 162 15.61 -25.89 15.60
N GLY A 163 14.93 -26.00 14.45
CA GLY A 163 15.56 -26.36 13.19
C GLY A 163 16.49 -25.29 12.63
N LEU A 164 16.37 -24.07 13.15
CA LEU A 164 17.23 -22.94 12.81
C LEU A 164 18.27 -22.61 13.88
N ALA A 165 18.46 -23.48 14.87
CA ALA A 165 19.39 -23.18 15.95
C ALA A 165 20.81 -22.87 15.46
N GLY A 166 21.27 -23.58 14.43
CA GLY A 166 22.50 -23.21 13.77
C GLY A 166 23.76 -23.82 14.37
N PHE A 167 23.58 -24.77 15.29
CA PHE A 167 24.72 -25.51 15.86
C PHE A 167 25.53 -26.12 14.72
N PRO A 168 26.86 -26.22 14.86
CA PRO A 168 27.68 -26.95 13.87
C PRO A 168 27.25 -28.42 13.78
N PRO A 169 27.53 -29.08 12.66
CA PRO A 169 27.04 -30.45 12.45
C PRO A 169 27.44 -31.45 13.56
N GLU A 170 28.64 -31.29 14.10
CA GLU A 170 29.19 -32.18 15.12
C GLU A 170 28.68 -31.90 16.54
N HIS A 171 27.83 -30.89 16.70
CA HIS A 171 27.37 -30.46 18.02
C HIS A 171 26.39 -31.47 18.61
N ARG A 172 26.56 -31.80 19.89
CA ARG A 172 25.73 -32.80 20.55
C ARG A 172 24.24 -32.47 20.56
N ALA A 173 23.89 -31.18 20.47
CA ALA A 173 22.49 -30.81 20.50
C ALA A 173 21.67 -31.52 19.41
N TRP A 174 22.27 -31.72 18.23
CA TRP A 174 21.55 -32.32 17.12
C TRP A 174 21.15 -33.79 17.41
N ARG A 175 21.79 -34.39 18.42
CA ARG A 175 21.48 -35.75 18.87
C ARG A 175 20.62 -35.77 20.13
N GLU A 176 20.17 -34.60 20.58
CA GLU A 176 19.39 -34.47 21.82
C GLU A 176 18.02 -33.83 21.53
N GLU A 177 17.06 -34.02 22.42
CA GLU A 177 15.77 -33.36 22.29
C GLU A 177 15.90 -31.93 22.83
N PRO A 178 15.21 -30.97 22.24
CA PRO A 178 14.27 -31.18 21.14
C PRO A 178 14.87 -31.21 19.72
N TRP A 179 16.13 -30.84 19.57
CA TRP A 179 16.67 -30.53 18.25
C TRP A 179 16.74 -31.74 17.32
N ILE A 180 16.92 -32.93 17.90
CA ILE A 180 17.00 -34.16 17.10
C ILE A 180 15.84 -34.28 16.10
N HIS A 181 14.64 -33.86 16.50
CA HIS A 181 13.44 -34.00 15.67
C HIS A 181 13.35 -32.91 14.59
N HIS A 182 14.29 -31.97 14.59
CA HIS A 182 14.25 -30.84 13.67
C HIS A 182 15.57 -30.61 12.94
N ALA A 183 16.52 -31.52 13.07
CA ALA A 183 17.85 -31.33 12.50
C ALA A 183 17.77 -31.19 10.99
N PRO A 184 18.37 -30.14 10.43
CA PRO A 184 18.50 -30.05 8.98
C PRO A 184 19.28 -31.24 8.43
N PRO A 185 19.06 -31.64 7.18
CA PRO A 185 19.85 -32.70 6.57
C PRO A 185 21.34 -32.45 6.73
N GLY A 186 22.07 -33.40 7.33
CA GLY A 186 23.50 -33.27 7.54
C GLY A 186 23.91 -32.96 8.97
N CYS A 187 22.99 -32.34 9.72
CA CYS A 187 23.25 -32.01 11.10
C CYS A 187 23.03 -33.26 11.95
N GLY A 188 23.95 -33.56 12.85
CA GLY A 188 23.86 -34.78 13.64
C GLY A 188 24.24 -36.00 12.82
N THR A 198 27.33 -30.34 4.73
CA THR A 198 26.06 -29.78 4.16
C THR A 198 25.11 -29.25 5.24
N CYS A 199 25.44 -29.49 6.49
CA CYS A 199 24.63 -28.98 7.62
C CYS A 199 24.51 -27.46 7.60
N ASP A 200 25.64 -26.76 7.50
CA ASP A 200 25.65 -25.30 7.51
C ASP A 200 24.96 -24.75 6.25
N GLU A 201 25.05 -25.47 5.13
CA GLU A 201 24.39 -25.06 3.89
C GLU A 201 22.86 -25.10 4.06
N LYS A 202 22.36 -26.18 4.68
CA LYS A 202 20.92 -26.30 4.87
C LYS A 202 20.41 -25.37 5.99
N THR A 203 21.20 -25.13 7.03
CA THR A 203 20.82 -24.13 8.03
C THR A 203 20.61 -22.79 7.34
N GLN A 204 21.54 -22.42 6.48
CA GLN A 204 21.47 -21.14 5.80
C GLN A 204 20.24 -21.07 4.91
N SER A 205 20.01 -22.09 4.09
CA SER A 205 18.90 -22.03 3.15
C SER A 205 17.55 -22.03 3.88
N LEU A 206 17.49 -22.72 5.03
CA LEU A 206 16.28 -22.71 5.84
C LEU A 206 16.01 -21.32 6.41
N GLY A 207 17.06 -20.64 6.86
CA GLY A 207 16.94 -19.28 7.32
C GLY A 207 16.50 -18.33 6.22
N VAL A 208 17.07 -18.49 5.03
CA VAL A 208 16.72 -17.64 3.91
C VAL A 208 15.26 -17.82 3.54
N LYS A 209 14.78 -19.06 3.56
CA LYS A 209 13.39 -19.39 3.25
C LYS A 209 12.47 -18.76 4.30
N PHE A 210 12.85 -18.92 5.57
CA PHE A 210 12.04 -18.36 6.66
C PHE A 210 11.88 -16.85 6.50
N LEU A 211 12.97 -16.18 6.18
CA LEU A 211 12.97 -14.73 6.08
C LEU A 211 12.14 -14.29 4.86
N ASP A 212 12.31 -14.97 3.74
CA ASP A 212 11.56 -14.64 2.55
C ASP A 212 10.04 -14.75 2.81
N GLU A 213 9.64 -15.84 3.46
CA GLU A 213 8.23 -16.05 3.77
C GLU A 213 7.72 -15.00 4.75
N TYR A 214 8.55 -14.65 5.72
CA TYR A 214 8.17 -13.64 6.70
C TYR A 214 8.00 -12.27 6.02
N GLN A 215 8.97 -11.88 5.21
CA GLN A 215 8.94 -10.57 4.56
C GLN A 215 7.74 -10.47 3.61
N SER A 216 7.33 -11.58 3.02
CA SER A 216 6.15 -11.56 2.15
C SER A 216 4.94 -11.07 2.90
N LYS A 217 4.83 -11.46 4.16
CA LYS A 217 3.65 -11.09 4.96
C LYS A 217 3.68 -9.61 5.30
N VAL A 218 4.86 -9.09 5.63
CA VAL A 218 4.97 -7.70 6.01
C VAL A 218 4.73 -6.81 4.79
N LYS A 219 5.29 -7.21 3.64
CA LYS A 219 5.07 -6.48 2.38
C LYS A 219 3.60 -6.44 2.06
N ARG A 220 2.92 -7.57 2.17
CA ARG A 220 1.51 -7.60 1.88
C ARG A 220 0.76 -6.59 2.76
N GLN A 221 1.05 -6.58 4.05
CA GLN A 221 0.32 -5.68 4.92
C GLN A 221 0.61 -4.22 4.58
N ILE A 222 1.89 -3.86 4.55
CA ILE A 222 2.24 -2.47 4.35
C ILE A 222 1.92 -1.95 2.96
N PHE A 223 2.29 -2.72 1.93
CA PHE A 223 2.05 -2.27 0.59
C PHE A 223 0.56 -2.32 0.20
N SER A 224 -0.22 -3.21 0.81
CA SER A 224 -1.65 -3.19 0.57
C SER A 224 -2.24 -1.91 1.14
N GLY A 225 -1.83 -1.53 2.34
CA GLY A 225 -2.29 -0.28 2.90
C GLY A 225 -1.97 0.90 2.00
N TYR A 226 -0.77 0.89 1.41
CA TYR A 226 -0.33 1.95 0.49
C TYR A 226 -1.19 2.02 -0.78
N GLN A 227 -1.93 0.95 -1.09
CA GLN A 227 -2.72 0.91 -2.31
C GLN A 227 -4.23 0.99 -2.04
N SER A 228 -4.60 1.38 -0.83
CA SER A 228 -5.99 1.48 -0.42
C SER A 228 -6.61 2.83 -0.78
N ASP A 229 -5.83 3.66 -1.48
CA ASP A 229 -6.31 4.90 -2.04
C ASP A 229 -6.98 4.70 -3.41
N ILE A 230 -6.74 3.57 -4.06
CA ILE A 230 -7.19 3.40 -5.46
C ILE A 230 -8.72 3.50 -5.54
N ASP A 231 -9.20 4.35 -6.44
CA ASP A 231 -10.64 4.40 -6.76
C ASP A 231 -10.82 4.14 -8.24
N THR A 232 -11.31 2.96 -8.57
CA THR A 232 -11.45 2.51 -9.95
C THR A 232 -12.40 3.39 -10.78
N HIS A 233 -13.57 3.68 -10.23
CA HIS A 233 -14.59 4.44 -10.94
C HIS A 233 -14.10 5.81 -11.43
N ASN A 234 -13.32 6.51 -10.61
CA ASN A 234 -12.90 7.88 -10.95
C ASN A 234 -12.01 7.95 -12.19
N ARG A 235 -11.41 6.82 -12.54
CA ARG A 235 -10.59 6.70 -13.75
C ARG A 235 -11.10 5.53 -14.59
N THR B 1 -0.26 -12.04 -30.77
CA THR B 1 -0.15 -11.56 -29.35
C THR B 1 1.22 -11.91 -28.81
N PRO B 2 1.91 -10.95 -28.21
CA PRO B 2 3.20 -11.23 -27.58
C PRO B 2 3.06 -12.01 -26.27
N GLN B 3 4.08 -12.80 -25.96
CA GLN B 3 4.10 -13.63 -24.78
C GLN B 3 4.95 -13.04 -23.66
N ASN B 4 5.68 -11.96 -23.96
CA ASN B 4 6.55 -11.32 -22.98
C ASN B 4 6.96 -9.94 -23.50
N ILE B 5 7.63 -9.13 -22.68
CA ILE B 5 7.94 -7.75 -23.08
C ILE B 5 8.92 -7.66 -24.28
N THR B 6 9.81 -8.61 -24.39
CA THR B 6 10.79 -8.60 -25.49
C THR B 6 10.09 -8.83 -26.85
N ASP B 7 9.22 -9.84 -26.93
CA ASP B 7 8.33 -10.05 -28.09
C ASP B 7 7.52 -8.80 -28.42
N LEU B 8 6.93 -8.19 -27.40
CA LEU B 8 6.11 -7.01 -27.57
C LEU B 8 6.94 -5.93 -28.22
N CYS B 9 8.12 -5.68 -27.66
CA CYS B 9 9.00 -4.60 -28.13
C CYS B 9 9.33 -4.82 -29.59
N ALA B 10 9.50 -6.07 -29.97
CA ALA B 10 9.88 -6.44 -31.33
C ALA B 10 8.79 -6.18 -32.38
N GLU B 11 7.57 -5.89 -31.95
CA GLU B 11 6.50 -5.59 -32.89
C GLU B 11 6.58 -4.15 -33.38
N TYR B 12 7.49 -3.37 -32.79
CA TYR B 12 7.57 -1.93 -33.09
C TYR B 12 8.97 -1.54 -33.59
N HIS B 13 9.00 -0.87 -34.73
CA HIS B 13 10.29 -0.48 -35.31
C HIS B 13 11.07 0.54 -34.47
N ASN B 14 10.36 1.47 -33.86
CA ASN B 14 11.03 2.58 -33.19
C ASN B 14 11.17 2.40 -31.68
N THR B 15 11.15 1.15 -31.22
CA THR B 15 11.38 0.83 -29.80
C THR B 15 12.61 -0.03 -29.56
N GLN B 16 13.12 0.04 -28.35
CA GLN B 16 14.16 -0.87 -27.91
C GLN B 16 13.87 -1.32 -26.48
N ILE B 17 14.54 -2.38 -26.05
CA ILE B 17 14.52 -2.79 -24.64
C ILE B 17 15.69 -2.18 -23.89
N HIS B 18 15.44 -1.73 -22.68
CA HIS B 18 16.50 -1.45 -21.71
C HIS B 18 16.33 -2.48 -20.60
N THR B 19 17.42 -3.11 -20.16
CA THR B 19 17.37 -4.05 -19.05
C THR B 19 17.99 -3.37 -17.85
N LEU B 20 17.19 -3.18 -16.80
CA LEU B 20 17.62 -2.39 -15.61
C LEU B 20 17.90 -3.26 -14.40
N ASN B 21 17.00 -4.20 -14.14
CA ASN B 21 17.06 -5.03 -12.96
C ASN B 21 17.41 -4.21 -11.73
N ASP B 22 16.61 -3.17 -11.47
CA ASP B 22 16.89 -2.26 -10.38
C ASP B 22 15.63 -1.49 -10.02
N LYS B 23 15.58 -1.00 -8.79
CA LYS B 23 14.49 -0.14 -8.36
C LYS B 23 14.64 1.25 -8.95
N ILE B 24 13.54 1.98 -9.01
CA ILE B 24 13.55 3.36 -9.51
C ILE B 24 14.25 4.27 -8.49
N PHE B 25 15.15 5.11 -8.99
CA PHE B 25 15.91 6.05 -8.15
C PHE B 25 15.15 7.34 -7.84
N SER B 26 14.42 7.87 -8.81
CA SER B 26 13.64 9.08 -8.58
C SER B 26 12.37 9.04 -9.44
N TYR B 27 11.32 9.69 -8.92
CA TYR B 27 10.02 9.80 -9.60
C TYR B 27 9.63 11.27 -9.62
N THR B 28 9.31 11.78 -10.80
CA THR B 28 8.91 13.16 -11.02
C THR B 28 7.60 13.19 -11.76
N GLU B 29 6.68 14.05 -11.33
CA GLU B 29 5.48 14.29 -12.12
C GLU B 29 5.08 15.74 -12.13
N SER B 30 4.43 16.13 -13.23
CA SER B 30 4.10 17.52 -13.50
C SER B 30 2.65 17.68 -13.94
N LEU B 31 2.04 18.78 -13.50
CA LEU B 31 0.71 19.14 -13.93
C LEU B 31 0.73 20.41 -14.77
N ALA B 32 1.92 20.93 -15.03
CA ALA B 32 2.09 22.16 -15.77
C ALA B 32 1.57 21.98 -17.22
N GLY B 33 0.92 23.00 -17.74
CA GLY B 33 0.26 22.89 -19.04
C GLY B 33 1.21 22.53 -20.14
N LYS B 34 0.81 21.52 -20.93
CA LYS B 34 1.62 20.97 -22.03
C LYS B 34 2.80 20.09 -21.59
N ARG B 35 2.97 19.92 -20.28
CA ARG B 35 3.97 19.01 -19.72
C ARG B 35 3.36 18.16 -18.63
N GLU B 36 2.19 17.60 -18.93
CA GLU B 36 1.49 16.76 -17.99
C GLU B 36 2.05 15.36 -18.17
N MET B 37 3.13 15.09 -17.46
CA MET B 37 4.01 13.96 -17.75
C MET B 37 4.66 13.46 -16.49
N ALA B 38 5.29 12.29 -16.58
CA ALA B 38 6.12 11.77 -15.49
C ALA B 38 7.50 11.44 -16.02
N ILE B 39 8.49 11.50 -15.13
CA ILE B 39 9.86 11.16 -15.47
C ILE B 39 10.41 10.29 -14.38
N ILE B 40 11.08 9.18 -14.75
CA ILE B 40 11.80 8.38 -13.77
C ILE B 40 13.26 8.30 -14.12
N THR B 41 14.10 8.12 -13.10
CA THR B 41 15.49 7.80 -13.34
C THR B 41 15.92 6.60 -12.52
N PHE B 42 17.04 6.05 -12.93
CA PHE B 42 17.70 4.96 -12.23
C PHE B 42 19.07 5.45 -11.78
N LYS B 43 19.69 4.75 -10.84
CA LYS B 43 20.94 5.20 -10.23
C LYS B 43 22.09 5.31 -11.24
N ASN B 44 22.03 4.54 -12.32
CA ASN B 44 23.02 4.62 -13.39
C ASN B 44 22.87 5.82 -14.32
N GLY B 45 21.87 6.65 -14.05
CA GLY B 45 21.62 7.88 -14.81
C GLY B 45 20.54 7.76 -15.85
N ALA B 46 20.09 6.53 -16.15
CA ALA B 46 19.12 6.34 -17.22
C ALA B 46 17.80 7.04 -16.86
N THR B 47 17.26 7.78 -17.83
CA THR B 47 16.12 8.65 -17.62
C THR B 47 15.05 8.32 -18.64
N PHE B 48 13.82 8.17 -18.16
CA PHE B 48 12.70 7.80 -19.00
C PHE B 48 11.47 8.66 -18.70
N GLN B 49 10.64 8.88 -19.72
CA GLN B 49 9.40 9.63 -19.54
C GLN B 49 8.19 8.78 -19.87
N VAL B 50 7.06 9.13 -19.27
CA VAL B 50 5.76 8.81 -19.82
C VAL B 50 5.31 10.08 -20.53
N GLU B 51 5.13 10.00 -21.84
CA GLU B 51 4.84 11.19 -22.62
C GLU B 51 3.51 11.83 -22.26
N VAL B 52 3.46 13.14 -22.46
CA VAL B 52 2.23 13.88 -22.50
C VAL B 52 1.33 13.26 -23.57
N PRO B 53 0.06 13.02 -23.28
CA PRO B 53 -0.84 12.53 -24.32
C PRO B 53 -0.85 13.48 -25.52
N GLY B 54 -0.71 12.96 -26.72
CA GLY B 54 -0.62 13.78 -27.91
C GLY B 54 -1.28 13.16 -29.12
N SER B 55 -1.05 13.78 -30.27
CA SER B 55 -1.71 13.38 -31.51
C SER B 55 -1.20 12.03 -32.01
N GLN B 56 -0.02 11.64 -31.54
CA GLN B 56 0.56 10.37 -31.91
C GLN B 56 -0.10 9.18 -31.18
N HIS B 57 -0.89 9.45 -30.14
CA HIS B 57 -1.60 8.41 -29.39
C HIS B 57 -2.96 8.13 -30.01
N ILE B 58 -3.33 6.85 -30.05
CA ILE B 58 -4.72 6.51 -30.35
C ILE B 58 -5.51 6.45 -29.06
N ASP B 59 -6.84 6.46 -29.18
CA ASP B 59 -7.72 6.61 -28.03
C ASP B 59 -7.50 5.49 -27.00
N SER B 60 -7.28 4.27 -27.49
CA SER B 60 -7.05 3.14 -26.59
C SER B 60 -5.80 3.29 -25.72
N GLN B 61 -4.87 4.15 -26.10
CA GLN B 61 -3.65 4.37 -25.32
C GLN B 61 -3.85 5.32 -24.15
N LYS B 62 -4.88 6.16 -24.18
CA LYS B 62 -5.04 7.20 -23.15
C LYS B 62 -5.17 6.61 -21.74
N LYS B 63 -6.02 5.60 -21.57
CA LYS B 63 -6.18 5.00 -20.24
C LYS B 63 -4.90 4.30 -19.85
N ALA B 64 -4.18 3.74 -20.82
CA ALA B 64 -2.94 3.01 -20.52
C ALA B 64 -1.82 3.95 -20.10
N ILE B 65 -1.82 5.17 -20.64
CA ILE B 65 -0.82 6.15 -20.22
C ILE B 65 -1.03 6.48 -18.74
N GLU B 66 -2.30 6.64 -18.34
CA GLU B 66 -2.63 6.93 -16.94
C GLU B 66 -2.23 5.76 -16.05
N ARG B 67 -2.54 4.55 -16.49
CA ARG B 67 -2.16 3.36 -15.71
C ARG B 67 -0.64 3.31 -15.52
N MET B 68 0.14 3.62 -16.55
CA MET B 68 1.58 3.54 -16.44
C MET B 68 2.12 4.51 -15.40
N LYS B 69 1.56 5.72 -15.34
CA LYS B 69 1.95 6.68 -14.32
C LYS B 69 1.61 6.15 -12.94
N ASP B 70 0.47 5.48 -12.80
CA ASP B 70 0.08 4.86 -11.52
C ASP B 70 1.11 3.81 -11.15
N THR B 71 1.46 2.96 -12.12
CA THR B 71 2.40 1.86 -11.91
C THR B 71 3.78 2.36 -11.47
N LEU B 72 4.30 3.38 -12.13
CA LEU B 72 5.62 3.88 -11.80
C LEU B 72 5.68 4.49 -10.40
N ARG B 73 4.65 5.21 -10.00
CA ARG B 73 4.65 5.85 -8.68
C ARG B 73 4.64 4.79 -7.59
N ILE B 74 3.78 3.79 -7.71
CA ILE B 74 3.75 2.75 -6.67
C ILE B 74 5.00 1.86 -6.70
N ALA B 75 5.54 1.61 -7.88
CA ALA B 75 6.79 0.90 -7.98
C ALA B 75 7.89 1.66 -7.26
N TYR B 76 7.92 2.98 -7.47
CA TYR B 76 8.91 3.82 -6.80
C TYR B 76 8.76 3.72 -5.27
N LEU B 77 7.54 3.86 -4.79
CA LEU B 77 7.31 3.88 -3.34
C LEU B 77 7.57 2.55 -2.66
N THR B 78 7.40 1.46 -3.38
CA THR B 78 7.58 0.11 -2.82
C THR B 78 8.99 -0.43 -3.08
N GLU B 79 9.81 0.34 -3.80
CA GLU B 79 11.14 -0.10 -4.19
C GLU B 79 11.12 -1.39 -5.01
N ALA B 80 10.06 -1.60 -5.77
CA ALA B 80 9.96 -2.77 -6.65
C ALA B 80 11.01 -2.75 -7.74
N LYS B 81 11.70 -3.86 -7.94
CA LYS B 81 12.69 -3.94 -9.00
C LYS B 81 12.06 -3.95 -10.38
N VAL B 82 12.52 -3.03 -11.22
CA VAL B 82 12.11 -3.02 -12.60
C VAL B 82 13.06 -3.93 -13.38
N GLU B 83 12.50 -4.90 -14.10
CA GLU B 83 13.29 -5.77 -14.94
C GLU B 83 13.68 -5.07 -16.25
N LYS B 84 12.69 -4.84 -17.11
CA LYS B 84 12.96 -4.24 -18.40
C LYS B 84 11.97 -3.12 -18.68
N LEU B 85 12.41 -2.18 -19.53
CA LEU B 85 11.52 -1.20 -20.12
C LEU B 85 11.59 -1.38 -21.62
N CYS B 86 10.43 -1.32 -22.25
CA CYS B 86 10.33 -1.15 -23.69
C CYS B 86 10.05 0.33 -23.91
N VAL B 87 10.90 0.98 -24.71
CA VAL B 87 10.75 2.41 -24.95
C VAL B 87 10.81 2.79 -26.42
N TRP B 88 10.13 3.87 -26.75
CA TRP B 88 10.36 4.55 -28.01
C TRP B 88 11.63 5.39 -27.92
N ASN B 89 12.58 5.13 -28.81
CA ASN B 89 13.88 5.81 -28.75
C ASN B 89 14.06 6.95 -29.76
N ASN B 90 12.98 7.34 -30.42
CA ASN B 90 12.96 8.55 -31.25
C ASN B 90 12.45 9.76 -30.43
N LYS B 91 12.59 9.65 -29.11
CA LYS B 91 12.21 10.68 -28.15
C LYS B 91 13.34 10.80 -27.12
N THR B 92 13.51 12.00 -26.56
CA THR B 92 14.47 12.25 -25.50
C THR B 92 13.73 13.01 -24.39
N PRO B 93 13.66 12.47 -23.18
CA PRO B 93 14.16 11.12 -22.85
C PRO B 93 13.37 10.02 -23.55
N HIS B 94 13.93 8.82 -23.57
CA HIS B 94 13.24 7.67 -24.16
C HIS B 94 11.87 7.55 -23.48
N ALA B 95 10.84 7.24 -24.27
CA ALA B 95 9.47 7.24 -23.80
C ALA B 95 8.97 5.82 -23.53
N ILE B 96 8.44 5.61 -22.35
CA ILE B 96 8.05 4.26 -21.94
C ILE B 96 6.84 3.74 -22.72
N ALA B 97 6.98 2.56 -23.30
CA ALA B 97 5.88 1.85 -23.94
C ALA B 97 5.41 0.65 -23.14
N ALA B 98 6.31 0.02 -22.39
CA ALA B 98 5.96 -1.13 -21.53
C ALA B 98 6.99 -1.31 -20.42
N ILE B 99 6.58 -1.97 -19.36
CA ILE B 99 7.45 -2.27 -18.23
C ILE B 99 7.23 -3.72 -17.82
N SER B 100 8.30 -4.36 -17.40
CA SER B 100 8.21 -5.66 -16.71
C SER B 100 8.90 -5.54 -15.39
N MET B 101 8.28 -6.13 -14.39
CA MET B 101 8.82 -6.19 -13.04
C MET B 101 8.94 -7.65 -12.66
N ALA B 102 10.12 -7.99 -12.20
CA ALA B 102 10.43 -9.29 -11.64
C ALA B 102 11.59 -9.06 -10.68
N ASN B 103 11.72 -9.95 -9.70
CA ASN B 103 12.87 -9.91 -8.80
C ASN B 103 14.16 -10.51 -9.41
N THR C 1 -26.63 -17.25 -9.71
CA THR C 1 -25.34 -16.52 -9.44
C THR C 1 -24.38 -17.48 -8.74
N PRO C 2 -23.16 -17.60 -9.27
CA PRO C 2 -22.19 -18.54 -8.68
C PRO C 2 -21.70 -18.08 -7.30
N GLN C 3 -21.28 -19.03 -6.47
CA GLN C 3 -20.73 -18.71 -5.16
C GLN C 3 -19.23 -18.86 -5.08
N ASN C 4 -18.62 -19.29 -6.18
CA ASN C 4 -17.18 -19.49 -6.19
C ASN C 4 -16.64 -19.47 -7.62
N ILE C 5 -15.33 -19.36 -7.77
CA ILE C 5 -14.73 -19.17 -9.07
C ILE C 5 -14.87 -20.38 -10.00
N THR C 6 -14.87 -21.58 -9.44
CA THR C 6 -14.99 -22.78 -10.25
C THR C 6 -16.37 -22.87 -10.88
N ASP C 7 -17.41 -22.57 -10.12
CA ASP C 7 -18.77 -22.63 -10.66
C ASP C 7 -18.98 -21.48 -11.66
N LEU C 8 -18.36 -20.34 -11.40
CA LEU C 8 -18.45 -19.23 -12.34
C LEU C 8 -17.80 -19.65 -13.67
N CYS C 9 -16.63 -20.24 -13.59
CA CYS C 9 -15.87 -20.60 -14.78
C CYS C 9 -16.68 -21.57 -15.65
N ALA C 10 -17.43 -22.45 -15.01
CA ALA C 10 -18.23 -23.48 -15.68
C ALA C 10 -19.42 -22.92 -16.45
N GLU C 11 -19.78 -21.67 -16.20
CA GLU C 11 -20.86 -21.03 -16.94
C GLU C 11 -20.43 -20.62 -18.34
N TYR C 12 -19.15 -20.75 -18.66
CA TYR C 12 -18.62 -20.25 -19.93
C TYR C 12 -18.02 -21.33 -20.81
N HIS C 13 -18.13 -21.17 -22.12
CA HIS C 13 -17.43 -22.05 -23.07
C HIS C 13 -15.96 -21.66 -23.13
N ASN C 14 -15.11 -22.62 -23.51
CA ASN C 14 -13.68 -22.40 -23.72
C ASN C 14 -12.96 -21.82 -22.50
N THR C 15 -13.38 -22.21 -21.30
CA THR C 15 -12.64 -21.83 -20.11
C THR C 15 -12.02 -22.98 -19.38
N GLN C 16 -11.04 -22.67 -18.55
CA GLN C 16 -10.59 -23.63 -17.59
C GLN C 16 -10.05 -22.94 -16.35
N ILE C 17 -9.95 -23.73 -15.29
CA ILE C 17 -9.42 -23.27 -14.02
C ILE C 17 -7.98 -23.69 -13.93
N HIS C 18 -7.14 -22.76 -13.48
CA HIS C 18 -5.78 -23.08 -13.11
C HIS C 18 -5.69 -22.89 -11.62
N THR C 19 -5.12 -23.87 -10.95
CA THR C 19 -4.88 -23.79 -9.52
C THR C 19 -3.40 -23.55 -9.27
N LEU C 20 -3.09 -22.38 -8.71
CA LEU C 20 -1.73 -21.93 -8.57
C LEU C 20 -1.22 -21.97 -7.12
N ASN C 21 -1.99 -21.38 -6.21
CA ASN C 21 -1.58 -21.25 -4.81
C ASN C 21 -0.14 -20.73 -4.72
N ASP C 22 0.14 -19.65 -5.44
CA ASP C 22 1.47 -19.10 -5.50
C ASP C 22 1.38 -17.60 -5.80
N LYS C 23 2.41 -16.86 -5.42
CA LYS C 23 2.51 -15.46 -5.80
C LYS C 23 2.94 -15.32 -7.26
N ILE C 24 2.67 -14.16 -7.82
CA ILE C 24 3.05 -13.85 -9.19
C ILE C 24 4.54 -13.64 -9.28
N PHE C 25 5.15 -14.23 -10.29
CA PHE C 25 6.59 -14.12 -10.49
C PHE C 25 6.98 -12.86 -11.25
N SER C 26 6.23 -12.54 -12.29
CA SER C 26 6.49 -11.29 -13.05
C SER C 26 5.21 -10.60 -13.50
N TYR C 27 5.28 -9.28 -13.63
CA TYR C 27 4.15 -8.48 -14.06
C TYR C 27 4.65 -7.55 -15.15
N THR C 28 3.97 -7.58 -16.30
CA THR C 28 4.28 -6.74 -17.43
C THR C 28 3.04 -5.96 -17.87
N GLU C 29 3.21 -4.69 -18.21
CA GLU C 29 2.11 -3.86 -18.59
C GLU C 29 2.55 -3.00 -19.78
N SER C 30 1.66 -2.80 -20.73
CA SER C 30 1.97 -2.08 -21.98
C SER C 30 0.91 -1.03 -22.33
N LEU C 31 1.39 0.12 -22.83
CA LEU C 31 0.56 1.16 -23.43
C LEU C 31 0.86 1.32 -24.92
N ALA C 32 1.64 0.42 -25.48
CA ALA C 32 1.87 0.42 -26.91
C ALA C 32 0.56 0.23 -27.71
N GLY C 33 0.42 0.96 -28.80
CA GLY C 33 -0.83 0.95 -29.55
C GLY C 33 -1.23 -0.43 -30.06
N LYS C 34 -2.49 -0.77 -29.79
CA LYS C 34 -3.08 -2.10 -30.10
C LYS C 34 -2.56 -3.23 -29.19
N ARG C 35 -1.71 -2.89 -28.21
CA ARG C 35 -1.19 -3.87 -27.27
C ARG C 35 -1.32 -3.36 -25.84
N GLU C 36 -2.43 -2.69 -25.57
CA GLU C 36 -2.71 -2.16 -24.25
C GLU C 36 -3.20 -3.30 -23.36
N MET C 37 -2.25 -4.01 -22.79
CA MET C 37 -2.52 -5.29 -22.12
C MET C 37 -1.61 -5.47 -20.92
N ALA C 38 -1.90 -6.52 -20.14
CA ALA C 38 -0.99 -6.97 -19.07
C ALA C 38 -0.69 -8.44 -19.26
N ILE C 39 0.49 -8.84 -18.81
CA ILE C 39 0.90 -10.23 -18.82
C ILE C 39 1.52 -10.54 -17.48
N ILE C 40 1.15 -11.67 -16.91
CA ILE C 40 1.77 -12.14 -15.69
C ILE C 40 2.33 -13.55 -15.93
N THR C 41 3.39 -13.87 -15.21
CA THR C 41 3.89 -15.24 -15.19
C THR C 41 4.09 -15.71 -13.79
N PHE C 42 4.14 -17.03 -13.67
CA PHE C 42 4.48 -17.73 -12.44
C PHE C 42 5.84 -18.42 -12.64
N LYS C 43 6.43 -18.87 -11.54
CA LYS C 43 7.86 -19.17 -11.53
C LYS C 43 8.37 -20.24 -12.48
N ASN C 44 7.53 -21.20 -12.84
CA ASN C 44 7.97 -22.26 -13.78
C ASN C 44 7.51 -22.06 -15.21
N GLY C 45 6.95 -20.89 -15.49
CA GLY C 45 6.64 -20.51 -16.86
C GLY C 45 5.17 -20.34 -17.24
N ALA C 46 4.25 -20.67 -16.34
CA ALA C 46 2.82 -20.48 -16.60
C ALA C 46 2.54 -18.99 -16.80
N THR C 47 1.82 -18.67 -17.86
CA THR C 47 1.74 -17.30 -18.37
C THR C 47 0.27 -16.97 -18.67
N PHE C 48 -0.14 -15.76 -18.30
CA PHE C 48 -1.52 -15.33 -18.50
C PHE C 48 -1.56 -13.87 -18.93
N GLN C 49 -2.60 -13.50 -19.68
CA GLN C 49 -2.83 -12.11 -20.07
C GLN C 49 -4.15 -11.59 -19.58
N VAL C 50 -4.24 -10.27 -19.47
CA VAL C 50 -5.52 -9.59 -19.53
C VAL C 50 -5.54 -8.99 -20.91
N GLU C 51 -6.52 -9.40 -21.70
CA GLU C 51 -6.59 -9.05 -23.12
C GLU C 51 -6.73 -7.55 -23.37
N VAL C 52 -6.22 -7.13 -24.52
CA VAL C 52 -6.51 -5.81 -25.07
C VAL C 52 -8.05 -5.72 -25.23
N PRO C 53 -8.66 -4.67 -24.70
CA PRO C 53 -10.11 -4.52 -24.85
C PRO C 53 -10.51 -4.51 -26.32
N GLY C 54 -11.55 -5.25 -26.66
CA GLY C 54 -11.93 -5.42 -28.05
C GLY C 54 -13.42 -5.68 -28.26
N SER C 55 -13.78 -6.01 -29.50
CA SER C 55 -15.17 -6.29 -29.85
C SER C 55 -15.73 -7.53 -29.17
N GLN C 56 -14.85 -8.41 -28.70
CA GLN C 56 -15.24 -9.58 -27.92
C GLN C 56 -15.74 -9.23 -26.52
N HIS C 57 -15.60 -7.95 -26.14
CA HIS C 57 -15.98 -7.52 -24.80
C HIS C 57 -17.20 -6.61 -24.80
N ILE C 58 -18.17 -6.88 -23.94
CA ILE C 58 -19.32 -5.99 -23.77
C ILE C 58 -18.90 -4.82 -22.86
N ASP C 59 -19.67 -3.74 -22.87
CA ASP C 59 -19.34 -2.55 -22.09
C ASP C 59 -18.99 -2.82 -20.65
N SER C 60 -19.80 -3.64 -19.99
CA SER C 60 -19.58 -3.93 -18.58
C SER C 60 -18.23 -4.61 -18.33
N GLN C 61 -17.69 -5.27 -19.35
CA GLN C 61 -16.40 -5.95 -19.21
C GLN C 61 -15.23 -4.99 -19.31
N LYS C 62 -15.36 -3.94 -20.11
CA LYS C 62 -14.29 -2.95 -20.22
C LYS C 62 -13.86 -2.37 -18.85
N LYS C 63 -14.82 -2.01 -17.99
CA LYS C 63 -14.52 -1.50 -16.67
C LYS C 63 -13.85 -2.55 -15.82
N ALA C 64 -14.30 -3.79 -15.96
CA ALA C 64 -13.75 -4.88 -15.15
C ALA C 64 -12.36 -5.29 -15.61
N ILE C 65 -12.05 -5.08 -16.89
CA ILE C 65 -10.69 -5.32 -17.40
C ILE C 65 -9.71 -4.38 -16.71
N GLU C 66 -10.10 -3.11 -16.57
CA GLU C 66 -9.22 -2.14 -15.94
C GLU C 66 -9.01 -2.50 -14.47
N ARG C 67 -10.07 -2.93 -13.80
CA ARG C 67 -9.96 -3.38 -12.42
C ARG C 67 -9.04 -4.59 -12.28
N MET C 68 -9.16 -5.55 -13.19
CA MET C 68 -8.37 -6.76 -13.10
C MET C 68 -6.89 -6.46 -13.22
N LYS C 69 -6.53 -5.57 -14.15
CA LYS C 69 -5.11 -5.21 -14.29
C LYS C 69 -4.59 -4.57 -13.00
N ASP C 70 -5.39 -3.73 -12.34
CA ASP C 70 -5.00 -3.20 -11.04
C ASP C 70 -4.86 -4.33 -10.02
N THR C 71 -5.80 -5.25 -10.00
CA THR C 71 -5.72 -6.36 -9.06
C THR C 71 -4.43 -7.13 -9.22
N LEU C 72 -4.04 -7.40 -10.47
CA LEU C 72 -2.83 -8.15 -10.71
C LEU C 72 -1.60 -7.36 -10.29
N ARG C 73 -1.57 -6.06 -10.55
CA ARG C 73 -0.44 -5.24 -10.11
C ARG C 73 -0.33 -5.22 -8.58
N ILE C 74 -1.47 -5.05 -7.90
CA ILE C 74 -1.49 -4.99 -6.44
C ILE C 74 -1.01 -6.33 -5.89
N ALA C 75 -1.53 -7.41 -6.46
CA ALA C 75 -1.15 -8.76 -6.00
C ALA C 75 0.35 -8.99 -6.19
N TYR C 76 0.88 -8.55 -7.34
CA TYR C 76 2.28 -8.73 -7.63
C TYR C 76 3.12 -7.99 -6.59
N LEU C 77 2.79 -6.73 -6.37
CA LEU C 77 3.62 -5.90 -5.46
C LEU C 77 3.57 -6.34 -3.99
N THR C 78 2.45 -6.94 -3.59
CA THR C 78 2.25 -7.42 -2.22
C THR C 78 2.64 -8.88 -2.02
N GLU C 79 3.10 -9.56 -3.07
CA GLU C 79 3.41 -11.00 -3.01
C GLU C 79 2.21 -11.81 -2.49
N ALA C 80 1.01 -11.39 -2.85
CA ALA C 80 -0.20 -12.08 -2.42
C ALA C 80 -0.33 -13.40 -3.16
N LYS C 81 -0.68 -14.47 -2.44
CA LYS C 81 -0.84 -15.77 -3.12
C LYS C 81 -2.12 -15.77 -3.94
N VAL C 82 -1.98 -16.10 -5.22
CA VAL C 82 -3.12 -16.32 -6.11
C VAL C 82 -3.58 -17.77 -5.89
N GLU C 83 -4.86 -17.96 -5.61
CA GLU C 83 -5.41 -19.32 -5.46
C GLU C 83 -5.69 -19.91 -6.82
N LYS C 84 -6.69 -19.36 -7.50
CA LYS C 84 -7.10 -19.86 -8.80
C LYS C 84 -7.25 -18.73 -9.80
N LEU C 85 -7.07 -19.08 -11.07
CA LEU C 85 -7.48 -18.24 -12.18
C LEU C 85 -8.47 -19.01 -13.04
N CYS C 86 -9.56 -18.33 -13.41
CA CYS C 86 -10.43 -18.80 -14.48
C CYS C 86 -10.00 -18.09 -15.75
N VAL C 87 -9.77 -18.85 -16.81
CA VAL C 87 -9.22 -18.28 -18.03
C VAL C 87 -9.96 -18.82 -19.22
N TRP C 88 -9.89 -18.05 -20.32
CA TRP C 88 -10.30 -18.53 -21.63
C TRP C 88 -9.09 -19.20 -22.24
N ASN C 89 -9.27 -20.44 -22.69
CA ASN C 89 -8.15 -21.21 -23.20
C ASN C 89 -8.06 -21.18 -24.72
N ASN C 90 -8.87 -20.32 -25.35
CA ASN C 90 -8.80 -20.10 -26.79
C ASN C 90 -8.01 -18.82 -27.14
N LYS C 91 -7.19 -18.36 -26.20
CA LYS C 91 -6.21 -17.30 -26.42
C LYS C 91 -4.87 -17.79 -25.87
N THR C 92 -3.78 -17.26 -26.42
CA THR C 92 -2.43 -17.53 -25.96
C THR C 92 -1.70 -16.20 -25.81
N PRO C 93 -1.26 -15.84 -24.62
CA PRO C 93 -1.45 -16.60 -23.37
C PRO C 93 -2.92 -16.74 -22.98
N HIS C 94 -3.22 -17.72 -22.15
CA HIS C 94 -4.55 -17.85 -21.62
C HIS C 94 -5.02 -16.50 -21.04
N ALA C 95 -6.28 -16.16 -21.30
CA ALA C 95 -6.84 -14.86 -20.99
C ALA C 95 -7.64 -14.94 -19.70
N ILE C 96 -7.28 -14.10 -18.75
CA ILE C 96 -7.92 -14.12 -17.46
C ILE C 96 -9.37 -13.63 -17.53
N ALA C 97 -10.26 -14.43 -16.94
CA ALA C 97 -11.65 -14.09 -16.76
C ALA C 97 -11.97 -13.81 -15.28
N ALA C 98 -11.28 -14.47 -14.36
CA ALA C 98 -11.52 -14.25 -12.95
C ALA C 98 -10.33 -14.72 -12.14
N ILE C 99 -10.23 -14.20 -10.92
CA ILE C 99 -9.12 -14.53 -10.02
C ILE C 99 -9.68 -14.75 -8.63
N SER C 100 -9.11 -15.70 -7.90
CA SER C 100 -9.40 -15.83 -6.47
C SER C 100 -8.12 -15.80 -5.66
N MET C 101 -8.20 -15.20 -4.48
CA MET C 101 -7.13 -15.16 -3.51
C MET C 101 -7.69 -15.65 -2.18
N ALA C 102 -6.96 -16.57 -1.56
CA ALA C 102 -7.24 -17.03 -0.23
C ALA C 102 -5.87 -17.34 0.37
N ASN C 103 -5.67 -17.13 1.65
CA ASN C 103 -6.68 -16.57 2.54
C ASN C 103 -5.90 -15.78 3.59
N THR D 1 -30.45 11.09 8.40
CA THR D 1 -29.24 10.31 8.01
C THR D 1 -28.81 9.37 9.14
N PRO D 2 -28.55 8.11 8.82
CA PRO D 2 -28.15 7.14 9.85
C PRO D 2 -26.75 7.41 10.36
N GLN D 3 -26.48 7.02 11.60
CA GLN D 3 -25.18 7.24 12.19
C GLN D 3 -24.34 5.98 12.27
N ASN D 4 -24.92 4.85 11.86
CA ASN D 4 -24.23 3.58 11.90
C ASN D 4 -24.86 2.58 10.96
N ILE D 5 -24.18 1.49 10.71
CA ILE D 5 -24.57 0.52 9.70
C ILE D 5 -25.85 -0.23 10.06
N THR D 6 -26.08 -0.47 11.35
CA THR D 6 -27.33 -1.14 11.75
C THR D 6 -28.57 -0.29 11.43
N ASP D 7 -28.52 0.98 11.75
CA ASP D 7 -29.65 1.89 11.50
C ASP D 7 -29.84 2.13 10.00
N LEU D 8 -28.73 2.16 9.26
CA LEU D 8 -28.79 2.31 7.81
C LEU D 8 -29.54 1.12 7.24
N CYS D 9 -29.19 -0.06 7.73
CA CYS D 9 -29.74 -1.31 7.22
C CYS D 9 -31.25 -1.33 7.39
N ALA D 10 -31.73 -0.84 8.53
CA ALA D 10 -33.17 -0.81 8.86
C ALA D 10 -33.99 0.13 7.96
N GLU D 11 -33.32 0.98 7.19
CA GLU D 11 -34.02 1.85 6.24
C GLU D 11 -34.43 1.12 4.95
N TYR D 12 -33.99 -0.13 4.78
CA TYR D 12 -34.24 -0.86 3.55
C TYR D 12 -35.02 -2.13 3.84
N HIS D 13 -35.83 -2.55 2.88
CA HIS D 13 -36.51 -3.84 2.94
C HIS D 13 -35.59 -4.96 2.42
N ASN D 14 -35.83 -6.17 2.89
CA ASN D 14 -35.11 -7.37 2.47
C ASN D 14 -33.63 -7.29 2.79
N THR D 15 -33.29 -6.62 3.90
CA THR D 15 -31.91 -6.59 4.37
C THR D 15 -31.77 -7.22 5.72
N GLN D 16 -30.54 -7.63 6.04
CA GLN D 16 -30.18 -8.01 7.38
C GLN D 16 -28.72 -7.67 7.67
N ILE D 17 -28.39 -7.61 8.96
CA ILE D 17 -27.01 -7.46 9.40
C ILE D 17 -26.39 -8.82 9.72
N HIS D 18 -25.18 -9.05 9.20
CA HIS D 18 -24.36 -10.20 9.59
C HIS D 18 -23.23 -9.60 10.39
N THR D 19 -22.99 -10.13 11.58
CA THR D 19 -21.89 -9.70 12.41
C THR D 19 -20.80 -10.76 12.32
N LEU D 20 -19.66 -10.35 11.76
CA LEU D 20 -18.54 -11.24 11.48
C LEU D 20 -17.39 -11.09 12.45
N ASN D 21 -17.02 -9.83 12.74
CA ASN D 21 -15.84 -9.53 13.52
C ASN D 21 -14.65 -10.41 13.14
N ASP D 22 -14.35 -10.43 11.85
CA ASP D 22 -13.30 -11.29 11.33
C ASP D 22 -12.82 -10.73 10.01
N LYS D 23 -11.57 -11.05 9.66
CA LYS D 23 -11.03 -10.69 8.35
C LYS D 23 -11.67 -11.55 7.27
N ILE D 24 -11.61 -11.08 6.03
CA ILE D 24 -12.08 -11.83 4.89
C ILE D 24 -11.16 -13.02 4.63
N PHE D 25 -11.73 -14.19 4.42
CA PHE D 25 -10.98 -15.39 4.13
C PHE D 25 -10.57 -15.49 2.66
N SER D 26 -11.48 -15.15 1.75
CA SER D 26 -11.17 -15.18 0.32
C SER D 26 -11.82 -14.03 -0.43
N TYR D 27 -11.16 -13.58 -1.51
CA TYR D 27 -11.66 -12.53 -2.38
C TYR D 27 -11.58 -13.05 -3.80
N THR D 28 -12.69 -12.93 -4.55
CA THR D 28 -12.79 -13.40 -5.92
C THR D 28 -13.35 -12.26 -6.73
N GLU D 29 -12.76 -11.99 -7.89
CA GLU D 29 -13.36 -11.03 -8.79
C GLU D 29 -13.32 -11.51 -10.23
N SER D 30 -14.29 -11.03 -11.00
CA SER D 30 -14.54 -11.56 -12.34
C SER D 30 -14.78 -10.44 -13.35
N LEU D 31 -14.24 -10.63 -14.56
CA LEU D 31 -14.54 -9.77 -15.68
C LEU D 31 -15.35 -10.49 -16.76
N ALA D 32 -15.80 -11.70 -16.47
CA ALA D 32 -16.56 -12.47 -17.47
C ALA D 32 -17.90 -11.78 -17.74
N GLY D 33 -18.36 -11.81 -19.01
CA GLY D 33 -19.54 -11.06 -19.41
C GLY D 33 -20.77 -11.44 -18.61
N LYS D 34 -21.46 -10.42 -18.08
CA LYS D 34 -22.65 -10.57 -17.25
C LYS D 34 -22.37 -11.16 -15.88
N ARG D 35 -21.09 -11.33 -15.54
CA ARG D 35 -20.69 -11.75 -14.21
C ARG D 35 -19.52 -10.88 -13.71
N GLU D 36 -19.60 -9.59 -13.99
CA GLU D 36 -18.60 -8.63 -13.55
C GLU D 36 -18.92 -8.28 -12.10
N MET D 37 -18.38 -9.09 -11.20
CA MET D 37 -18.80 -9.07 -9.81
C MET D 37 -17.63 -9.47 -8.91
N ALA D 38 -17.84 -9.32 -7.59
CA ALA D 38 -16.92 -9.81 -6.59
C ALA D 38 -17.66 -10.71 -5.62
N ILE D 39 -16.94 -11.68 -5.09
CA ILE D 39 -17.44 -12.61 -4.06
C ILE D 39 -16.42 -12.67 -2.95
N ILE D 40 -16.88 -12.55 -1.70
CA ILE D 40 -16.03 -12.79 -0.56
C ILE D 40 -16.58 -13.92 0.29
N THR D 41 -15.68 -14.59 0.99
CA THR D 41 -16.07 -15.57 2.01
C THR D 41 -15.33 -15.31 3.32
N PHE D 42 -15.89 -15.85 4.40
CA PHE D 42 -15.29 -15.80 5.71
C PHE D 42 -15.02 -17.24 6.14
N LYS D 43 -14.13 -17.43 7.10
CA LYS D 43 -13.73 -18.78 7.48
C LYS D 43 -14.88 -19.63 7.98
N ASN D 44 -15.93 -19.00 8.51
CA ASN D 44 -17.15 -19.71 8.92
C ASN D 44 -18.04 -20.19 7.77
N GLY D 45 -17.57 -20.01 6.53
CA GLY D 45 -18.27 -20.42 5.33
C GLY D 45 -19.20 -19.37 4.73
N ALA D 46 -19.44 -18.27 5.44
CA ALA D 46 -20.36 -17.24 4.97
C ALA D 46 -19.85 -16.64 3.66
N THR D 47 -20.75 -16.51 2.68
CA THR D 47 -20.39 -16.04 1.34
C THR D 47 -21.27 -14.87 0.94
N PHE D 48 -20.64 -13.85 0.38
CA PHE D 48 -21.34 -12.64 -0.02
C PHE D 48 -20.87 -12.15 -1.39
N GLN D 49 -21.78 -11.50 -2.11
CA GLN D 49 -21.44 -10.91 -3.40
C GLN D 49 -21.60 -9.39 -3.41
N VAL D 50 -20.87 -8.75 -4.32
CA VAL D 50 -21.23 -7.45 -4.81
C VAL D 50 -21.89 -7.73 -6.15
N GLU D 51 -23.14 -7.31 -6.30
CA GLU D 51 -23.93 -7.65 -7.47
C GLU D 51 -23.36 -7.00 -8.72
N VAL D 52 -23.56 -7.70 -9.83
CA VAL D 52 -23.36 -7.14 -11.15
C VAL D 52 -24.30 -5.95 -11.29
N PRO D 53 -23.80 -4.79 -11.73
CA PRO D 53 -24.68 -3.64 -11.90
C PRO D 53 -25.82 -3.99 -12.86
N GLY D 54 -27.05 -3.60 -12.52
CA GLY D 54 -28.20 -3.95 -13.34
C GLY D 54 -29.32 -2.93 -13.21
N SER D 55 -30.47 -3.24 -13.80
CA SER D 55 -31.60 -2.32 -13.76
C SER D 55 -32.14 -2.14 -12.34
N GLN D 56 -31.77 -3.01 -11.41
CA GLN D 56 -32.18 -2.85 -10.01
C GLN D 56 -31.45 -1.74 -9.26
N HIS D 57 -30.43 -1.18 -9.90
CA HIS D 57 -29.62 -0.10 -9.31
C HIS D 57 -29.97 1.22 -9.94
N ILE D 58 -29.98 2.28 -9.13
CA ILE D 58 -30.14 3.62 -9.65
C ILE D 58 -28.75 4.16 -9.99
N ASP D 59 -28.71 5.21 -10.79
CA ASP D 59 -27.45 5.68 -11.36
C ASP D 59 -26.45 6.05 -10.28
N SER D 60 -26.91 6.62 -9.18
CA SER D 60 -26.02 7.07 -8.11
C SER D 60 -25.29 5.90 -7.44
N GLN D 61 -25.81 4.69 -7.58
CA GLN D 61 -25.16 3.51 -6.96
C GLN D 61 -23.97 2.97 -7.78
N LYS D 62 -23.88 3.34 -9.05
CA LYS D 62 -22.86 2.75 -9.92
C LYS D 62 -21.44 3.00 -9.38
N LYS D 63 -21.17 4.22 -8.95
CA LYS D 63 -19.87 4.55 -8.40
C LYS D 63 -19.65 3.81 -7.07
N ALA D 64 -20.72 3.56 -6.34
CA ALA D 64 -20.60 2.96 -5.02
C ALA D 64 -20.36 1.49 -5.13
N ILE D 65 -20.89 0.86 -6.17
CA ILE D 65 -20.65 -0.56 -6.40
C ILE D 65 -19.16 -0.71 -6.68
N GLU D 66 -18.61 0.21 -7.48
CA GLU D 66 -17.20 0.14 -7.84
C GLU D 66 -16.33 0.40 -6.60
N ARG D 67 -16.75 1.34 -5.76
CA ARG D 67 -16.00 1.62 -4.52
C ARG D 67 -16.00 0.39 -3.60
N MET D 68 -17.12 -0.31 -3.52
CA MET D 68 -17.22 -1.42 -2.58
C MET D 68 -16.27 -2.53 -2.99
N LYS D 69 -16.18 -2.77 -4.30
CA LYS D 69 -15.22 -3.76 -4.78
C LYS D 69 -13.76 -3.36 -4.49
N ASP D 70 -13.43 -2.08 -4.61
CA ASP D 70 -12.12 -1.57 -4.21
C ASP D 70 -11.91 -1.84 -2.73
N THR D 71 -12.91 -1.53 -1.93
CA THR D 71 -12.78 -1.68 -0.48
C THR D 71 -12.59 -3.15 -0.07
N LEU D 72 -13.39 -4.05 -0.64
CA LEU D 72 -13.26 -5.46 -0.31
C LEU D 72 -11.91 -6.05 -0.74
N ARG D 73 -11.43 -5.68 -1.92
CA ARG D 73 -10.13 -6.19 -2.37
C ARG D 73 -9.06 -5.83 -1.36
N ILE D 74 -9.04 -4.58 -0.96
CA ILE D 74 -7.96 -4.09 -0.14
C ILE D 74 -8.15 -4.41 1.35
N ALA D 75 -9.39 -4.59 1.78
CA ALA D 75 -9.66 -5.13 3.13
C ALA D 75 -9.17 -6.57 3.25
N TYR D 76 -9.42 -7.38 2.21
CA TYR D 76 -8.86 -8.72 2.15
C TYR D 76 -7.35 -8.68 2.29
N LEU D 77 -6.70 -7.86 1.47
CA LEU D 77 -5.24 -7.82 1.46
C LEU D 77 -4.63 -7.32 2.78
N THR D 78 -5.21 -6.29 3.38
CA THR D 78 -4.71 -5.75 4.63
C THR D 78 -5.17 -6.54 5.85
N GLU D 79 -5.92 -7.61 5.63
CA GLU D 79 -6.48 -8.42 6.74
C GLU D 79 -7.30 -7.56 7.72
N ALA D 80 -8.00 -6.56 7.19
CA ALA D 80 -8.80 -5.70 8.04
C ALA D 80 -9.99 -6.49 8.62
N LYS D 81 -10.19 -6.39 9.93
CA LYS D 81 -11.36 -7.01 10.57
C LYS D 81 -12.64 -6.34 10.09
N VAL D 82 -13.53 -7.13 9.50
CA VAL D 82 -14.85 -6.68 9.14
C VAL D 82 -15.76 -6.85 10.35
N GLU D 83 -16.37 -5.76 10.77
CA GLU D 83 -17.28 -5.80 11.91
C GLU D 83 -18.64 -6.37 11.47
N LYS D 84 -19.36 -5.62 10.65
CA LYS D 84 -20.66 -6.02 10.15
C LYS D 84 -20.78 -5.83 8.64
N LEU D 85 -21.64 -6.64 8.02
CA LEU D 85 -22.16 -6.36 6.69
C LEU D 85 -23.67 -6.24 6.73
N CYS D 86 -24.18 -5.22 6.07
CA CYS D 86 -25.59 -5.12 5.76
C CYS D 86 -25.76 -5.69 4.36
N VAL D 87 -26.69 -6.64 4.20
CA VAL D 87 -26.90 -7.31 2.94
C VAL D 87 -28.36 -7.41 2.59
N TRP D 88 -28.61 -7.52 1.29
CA TRP D 88 -29.92 -7.96 0.82
C TRP D 88 -29.98 -9.48 0.84
N ASN D 89 -31.02 -10.01 1.47
CA ASN D 89 -31.15 -11.44 1.67
C ASN D 89 -32.15 -12.06 0.70
N ASN D 90 -32.59 -11.28 -0.27
CA ASN D 90 -33.39 -11.81 -1.38
C ASN D 90 -32.53 -12.11 -2.61
N LYS D 91 -31.24 -12.33 -2.37
CA LYS D 91 -30.30 -12.74 -3.40
C LYS D 91 -29.45 -13.85 -2.82
N THR D 92 -28.93 -14.69 -3.69
CA THR D 92 -28.05 -15.77 -3.28
C THR D 92 -26.81 -15.74 -4.18
N PRO D 93 -25.62 -15.53 -3.61
CA PRO D 93 -25.43 -15.27 -2.18
C PRO D 93 -25.95 -13.90 -1.76
N HIS D 94 -26.07 -13.67 -0.46
CA HIS D 94 -26.50 -12.38 0.05
C HIS D 94 -25.65 -11.26 -0.59
N ALA D 95 -26.30 -10.17 -0.97
CA ALA D 95 -25.68 -9.09 -1.72
C ALA D 95 -25.33 -7.94 -0.79
N ILE D 96 -24.10 -7.45 -0.88
CA ILE D 96 -23.65 -6.47 0.09
C ILE D 96 -24.23 -5.11 -0.23
N ALA D 97 -24.78 -4.47 0.81
CA ALA D 97 -25.26 -3.09 0.75
C ALA D 97 -24.32 -2.14 1.46
N ALA D 98 -23.73 -2.60 2.54
CA ALA D 98 -22.80 -1.79 3.30
C ALA D 98 -21.86 -2.63 4.15
N ILE D 99 -20.74 -2.03 4.51
CA ILE D 99 -19.73 -2.70 5.31
C ILE D 99 -19.22 -1.77 6.41
N SER D 100 -18.97 -2.32 7.59
CA SER D 100 -18.29 -1.59 8.65
C SER D 100 -17.04 -2.36 9.04
N MET D 101 -15.95 -1.61 9.22
CA MET D 101 -14.69 -2.15 9.69
C MET D 101 -14.34 -1.48 11.01
N ALA D 102 -13.99 -2.31 11.99
CA ALA D 102 -13.56 -1.86 13.29
C ALA D 102 -12.78 -2.98 13.98
N ASN D 103 -11.84 -2.57 14.83
CA ASN D 103 -11.05 -3.50 15.65
C ASN D 103 -10.11 -4.37 14.83
N THR E 1 -6.41 33.12 -0.31
CA THR E 1 -6.46 31.64 -0.26
C THR E 1 -5.98 31.15 1.10
N PRO E 2 -6.74 30.27 1.76
CA PRO E 2 -6.36 29.79 3.09
C PRO E 2 -5.08 28.96 3.06
N GLN E 3 -4.29 29.00 4.14
CA GLN E 3 -3.07 28.20 4.23
C GLN E 3 -3.19 27.06 5.23
N ASN E 4 -4.35 26.95 5.86
CA ASN E 4 -4.58 25.89 6.84
C ASN E 4 -6.08 25.64 7.00
N ILE E 5 -6.39 24.52 7.65
CA ILE E 5 -7.75 24.06 7.73
C ILE E 5 -8.63 24.99 8.58
N THR E 6 -8.04 25.59 9.60
CA THR E 6 -8.81 26.44 10.51
C THR E 6 -9.29 27.70 9.76
N ASP E 7 -8.41 28.32 8.99
CA ASP E 7 -8.77 29.49 8.20
C ASP E 7 -9.72 29.14 7.06
N LEU E 8 -9.55 27.95 6.48
CA LEU E 8 -10.46 27.49 5.45
C LEU E 8 -11.86 27.32 6.04
N CYS E 9 -11.92 26.73 7.21
CA CYS E 9 -13.18 26.44 7.88
C CYS E 9 -13.90 27.74 8.16
N ALA E 10 -13.16 28.75 8.59
CA ALA E 10 -13.71 30.05 8.93
C ALA E 10 -14.36 30.80 7.75
N GLU E 11 -14.12 30.37 6.51
CA GLU E 11 -14.76 30.99 5.35
C GLU E 11 -16.19 30.54 5.07
N TYR E 12 -16.68 29.57 5.85
CA TYR E 12 -17.99 28.97 5.62
C TYR E 12 -18.89 29.17 6.82
N HIS E 13 -20.18 29.33 6.55
CA HIS E 13 -21.18 29.33 7.61
C HIS E 13 -21.49 27.91 8.04
N ASN E 14 -21.89 27.76 9.30
CA ASN E 14 -22.35 26.48 9.83
C ASN E 14 -21.23 25.44 9.90
N THR E 15 -20.00 25.90 10.16
CA THR E 15 -18.87 24.98 10.30
C THR E 15 -18.19 25.09 11.65
N GLN E 16 -17.45 24.06 11.99
CA GLN E 16 -16.56 24.10 13.14
C GLN E 16 -15.44 23.10 12.96
N ILE E 17 -14.36 23.32 13.69
CA ILE E 17 -13.22 22.43 13.71
C ILE E 17 -13.36 21.45 14.86
N HIS E 18 -13.16 20.17 14.59
CA HIS E 18 -12.96 19.19 15.64
C HIS E 18 -11.48 18.85 15.63
N THR E 19 -10.84 18.95 16.79
CA THR E 19 -9.44 18.56 16.94
C THR E 19 -9.39 17.14 17.54
N LEU E 20 -8.94 16.18 16.74
CA LEU E 20 -8.99 14.78 17.15
C LEU E 20 -7.63 14.28 17.59
N ASN E 21 -6.59 14.56 16.79
CA ASN E 21 -5.25 14.00 17.00
C ASN E 21 -5.30 12.53 17.35
N ASP E 22 -5.98 11.75 16.51
CA ASP E 22 -6.14 10.33 16.79
C ASP E 22 -6.42 9.61 15.48
N LYS E 23 -6.15 8.30 15.44
CA LYS E 23 -6.49 7.53 14.23
C LYS E 23 -7.99 7.24 14.23
N ILE E 24 -8.50 6.88 13.07
CA ILE E 24 -9.91 6.51 12.93
C ILE E 24 -10.16 5.16 13.59
N PHE E 25 -11.25 5.07 14.33
CA PHE E 25 -11.63 3.85 15.02
C PHE E 25 -12.47 2.89 14.17
N SER E 26 -13.42 3.43 13.42
CA SER E 26 -14.25 2.62 12.52
C SER E 26 -14.53 3.34 11.21
N TYR E 27 -14.68 2.54 10.15
CA TYR E 27 -14.96 3.04 8.81
C TYR E 27 -16.16 2.23 8.29
N THR E 28 -17.20 2.93 7.84
CA THR E 28 -18.42 2.33 7.31
C THR E 28 -18.68 2.89 5.93
N GLU E 29 -19.04 2.03 5.01
CA GLU E 29 -19.25 2.44 3.64
C GLU E 29 -20.53 1.79 3.13
N SER E 30 -21.36 2.57 2.44
CA SER E 30 -22.63 2.06 1.91
C SER E 30 -22.81 2.35 0.42
N LEU E 31 -23.33 1.37 -0.32
CA LEU E 31 -23.76 1.56 -1.71
C LEU E 31 -25.28 1.54 -1.88
N ALA E 32 -26.02 1.48 -0.77
CA ALA E 32 -27.48 1.46 -0.81
C ALA E 32 -28.04 2.73 -1.45
N GLY E 33 -29.09 2.57 -2.25
CA GLY E 33 -29.63 3.69 -3.00
C GLY E 33 -30.05 4.85 -2.13
N LYS E 34 -29.57 6.05 -2.48
CA LYS E 34 -29.80 7.30 -1.75
C LYS E 34 -29.03 7.38 -0.45
N ARG E 35 -28.22 6.35 -0.15
CA ARG E 35 -27.30 6.37 1.00
C ARG E 35 -25.84 5.97 0.60
N GLU E 36 -25.40 6.46 -0.54
CA GLU E 36 -24.05 6.21 -1.05
C GLU E 36 -23.13 7.18 -0.33
N MET E 37 -22.55 6.70 0.76
CA MET E 37 -21.86 7.55 1.72
C MET E 37 -20.85 6.76 2.54
N ALA E 38 -20.08 7.47 3.35
CA ALA E 38 -19.17 6.88 4.31
C ALA E 38 -19.41 7.53 5.67
N ILE E 39 -19.20 6.75 6.72
CA ILE E 39 -19.26 7.23 8.09
C ILE E 39 -18.00 6.78 8.80
N ILE E 40 -17.36 7.66 9.55
CA ILE E 40 -16.27 7.24 10.43
C ILE E 40 -16.55 7.59 11.88
N THR E 41 -15.93 6.82 12.80
CA THR E 41 -15.92 7.18 14.22
C THR E 41 -14.55 7.17 14.79
N PHE E 42 -14.41 7.89 15.91
CA PHE E 42 -13.20 7.91 16.71
C PHE E 42 -13.52 7.26 18.05
N LYS E 43 -12.47 6.86 18.78
CA LYS E 43 -12.69 6.09 20.01
C LYS E 43 -13.41 6.89 21.10
N ASN E 44 -13.40 8.21 20.98
CA ASN E 44 -14.18 9.06 21.89
C ASN E 44 -15.68 9.11 21.56
N GLY E 45 -16.12 8.34 20.55
CA GLY E 45 -17.51 8.32 20.13
C GLY E 45 -17.87 9.29 19.02
N ALA E 46 -16.98 10.25 18.71
CA ALA E 46 -17.28 11.25 17.69
C ALA E 46 -17.54 10.53 16.35
N THR E 47 -18.60 10.96 15.66
CA THR E 47 -19.07 10.32 14.43
C THR E 47 -19.21 11.36 13.33
N PHE E 48 -18.72 11.04 12.14
CA PHE E 48 -18.73 11.97 11.02
C PHE E 48 -19.10 11.27 9.74
N GLN E 49 -19.73 12.00 8.84
CA GLN E 49 -20.10 11.48 7.53
C GLN E 49 -19.43 12.23 6.39
N VAL E 50 -19.26 11.54 5.26
CA VAL E 50 -19.14 12.20 3.98
C VAL E 50 -20.54 12.08 3.36
N GLU E 51 -21.14 13.23 3.09
CA GLU E 51 -22.53 13.27 2.65
C GLU E 51 -22.73 12.58 1.29
N VAL E 52 -23.92 11.99 1.14
CA VAL E 52 -24.42 11.63 -0.17
C VAL E 52 -24.43 12.87 -1.03
N PRO E 53 -23.91 12.79 -2.25
CA PRO E 53 -23.93 13.94 -3.15
C PRO E 53 -25.36 14.41 -3.41
N GLY E 54 -25.57 15.72 -3.32
CA GLY E 54 -26.90 16.25 -3.50
C GLY E 54 -26.95 17.68 -3.96
N SER E 55 -28.15 18.26 -3.86
CA SER E 55 -28.41 19.64 -4.22
C SER E 55 -27.52 20.67 -3.49
N GLN E 56 -27.02 20.29 -2.32
CA GLN E 56 -26.17 21.16 -1.51
C GLN E 56 -24.74 21.27 -2.05
N HIS E 57 -24.41 20.43 -3.03
CA HIS E 57 -23.09 20.42 -3.61
C HIS E 57 -23.11 20.98 -5.03
N ILE E 58 -22.11 21.79 -5.37
CA ILE E 58 -21.91 22.20 -6.74
C ILE E 58 -21.06 21.16 -7.45
N ASP E 59 -21.01 21.25 -8.78
CA ASP E 59 -20.40 20.22 -9.61
C ASP E 59 -18.92 20.00 -9.27
N SER E 60 -18.23 21.08 -8.91
CA SER E 60 -16.81 21.01 -8.60
C SER E 60 -16.54 20.17 -7.33
N GLN E 61 -17.53 19.98 -6.48
CA GLN E 61 -17.34 19.23 -5.25
C GLN E 61 -17.49 17.72 -5.43
N LYS E 62 -18.12 17.31 -6.54
CA LYS E 62 -18.40 15.89 -6.76
C LYS E 62 -17.14 15.01 -6.70
N LYS E 63 -16.12 15.39 -7.47
CA LYS E 63 -14.86 14.65 -7.48
C LYS E 63 -14.17 14.68 -6.12
N ALA E 64 -14.28 15.82 -5.44
CA ALA E 64 -13.72 15.99 -4.10
C ALA E 64 -14.42 15.16 -3.01
N ILE E 65 -15.72 14.94 -3.14
CA ILE E 65 -16.44 14.02 -2.27
C ILE E 65 -15.88 12.60 -2.44
N GLU E 66 -15.66 12.21 -3.69
CA GLU E 66 -15.08 10.89 -3.96
C GLU E 66 -13.63 10.78 -3.42
N ARG E 67 -12.83 11.81 -3.60
CA ARG E 67 -11.48 11.80 -3.03
C ARG E 67 -11.50 11.68 -1.51
N MET E 68 -12.42 12.38 -0.85
CA MET E 68 -12.46 12.34 0.59
C MET E 68 -12.75 10.92 1.09
N LYS E 69 -13.62 10.21 0.39
CA LYS E 69 -13.92 8.82 0.79
C LYS E 69 -12.68 7.91 0.60
N ASP E 70 -11.94 8.13 -0.48
CA ASP E 70 -10.67 7.44 -0.67
C ASP E 70 -9.70 7.75 0.50
N THR E 71 -9.59 9.03 0.87
CA THR E 71 -8.70 9.46 1.91
C THR E 71 -9.03 8.82 3.25
N LEU E 72 -10.32 8.76 3.58
CA LEU E 72 -10.72 8.17 4.85
C LEU E 72 -10.39 6.67 4.91
N ARG E 73 -10.57 5.97 3.79
CA ARG E 73 -10.26 4.54 3.78
C ARG E 73 -8.77 4.30 3.94
N ILE E 74 -7.92 5.01 3.21
CA ILE E 74 -6.48 4.79 3.40
C ILE E 74 -6.01 5.27 4.77
N ALA E 75 -6.56 6.37 5.28
CA ALA E 75 -6.25 6.80 6.64
C ALA E 75 -6.60 5.73 7.65
N TYR E 76 -7.78 5.14 7.52
CA TYR E 76 -8.20 4.07 8.40
C TYR E 76 -7.21 2.89 8.35
N LEU E 77 -6.96 2.40 7.15
CA LEU E 77 -6.17 1.17 6.97
C LEU E 77 -4.67 1.33 7.22
N THR E 78 -4.16 2.55 7.21
CA THR E 78 -2.78 2.82 7.56
C THR E 78 -2.63 3.43 8.94
N GLU E 79 -3.73 3.55 9.68
CA GLU E 79 -3.71 4.08 11.07
C GLU E 79 -3.13 5.50 11.14
N ALA E 80 -3.43 6.29 10.11
CA ALA E 80 -2.98 7.65 10.06
C ALA E 80 -3.66 8.51 11.12
N LYS E 81 -2.86 9.24 11.88
CA LYS E 81 -3.39 10.19 12.85
C LYS E 81 -4.07 11.35 12.16
N VAL E 82 -5.36 11.53 12.43
CA VAL E 82 -6.10 12.68 11.97
C VAL E 82 -5.86 13.82 12.95
N GLU E 83 -5.51 14.98 12.43
CA GLU E 83 -5.29 16.15 13.28
C GLU E 83 -6.64 16.83 13.53
N LYS E 84 -7.20 17.42 12.48
CA LYS E 84 -8.45 18.14 12.56
C LYS E 84 -9.41 17.75 11.45
N LEU E 85 -10.69 17.89 11.72
CA LEU E 85 -11.71 17.87 10.71
C LEU E 85 -12.44 19.20 10.73
N CYS E 86 -12.67 19.76 9.56
CA CYS E 86 -13.60 20.85 9.41
C CYS E 86 -14.92 20.22 9.00
N VAL E 87 -15.98 20.53 9.73
CA VAL E 87 -17.28 19.92 9.43
C VAL E 87 -18.40 20.95 9.42
N TRP E 88 -19.48 20.62 8.71
CA TRP E 88 -20.73 21.36 8.81
C TRP E 88 -21.51 20.77 9.97
N ASN E 89 -21.93 21.63 10.90
CA ASN E 89 -22.58 21.17 12.11
C ASN E 89 -24.09 21.32 12.07
N ASN E 90 -24.61 21.67 10.90
CA ASN E 90 -26.05 21.66 10.64
C ASN E 90 -26.51 20.36 9.96
N LYS E 91 -25.73 19.30 10.18
CA LYS E 91 -26.07 17.98 9.69
C LYS E 91 -25.76 17.01 10.81
N THR E 92 -26.46 15.89 10.83
CA THR E 92 -26.23 14.84 11.80
C THR E 92 -26.08 13.52 11.05
N PRO E 93 -24.94 12.84 11.20
CA PRO E 93 -23.79 13.34 11.95
C PRO E 93 -23.15 14.51 11.22
N HIS E 94 -22.22 15.19 11.89
CA HIS E 94 -21.51 16.32 11.31
C HIS E 94 -20.87 15.88 10.01
N ALA E 95 -20.92 16.76 9.02
CA ALA E 95 -20.52 16.44 7.66
C ALA E 95 -19.12 17.00 7.35
N ILE E 96 -18.25 16.14 6.85
CA ILE E 96 -16.86 16.53 6.64
C ILE E 96 -16.75 17.48 5.46
N ALA E 97 -16.09 18.60 5.69
CA ALA E 97 -15.73 19.57 4.67
C ALA E 97 -14.23 19.52 4.32
N ALA E 98 -13.41 19.25 5.31
CA ALA E 98 -11.97 19.13 5.13
C ALA E 98 -11.31 18.30 6.23
N ILE E 99 -10.14 17.78 5.92
CA ILE E 99 -9.37 16.96 6.87
C ILE E 99 -7.91 17.42 6.83
N SER E 100 -7.26 17.39 7.99
CA SER E 100 -5.84 17.60 8.07
C SER E 100 -5.21 16.45 8.81
N MET E 101 -4.02 16.05 8.35
CA MET E 101 -3.22 15.03 8.99
C MET E 101 -1.82 15.60 9.15
N ALA E 102 -1.25 15.44 10.35
CA ALA E 102 0.07 16.01 10.63
C ALA E 102 0.99 15.06 11.39
N ASN E 103 2.30 15.34 11.35
CA ASN E 103 3.28 14.55 12.06
C ASN E 103 4.64 14.64 11.35
N THR F 1 11.78 18.20 -24.65
CA THR F 1 11.20 17.55 -23.45
C THR F 1 12.23 17.51 -22.32
N PRO F 2 11.88 18.06 -21.17
CA PRO F 2 12.80 18.12 -20.04
C PRO F 2 13.20 16.77 -19.47
N GLN F 3 14.43 16.69 -18.96
CA GLN F 3 14.97 15.46 -18.36
C GLN F 3 14.78 15.45 -16.85
N ASN F 4 14.43 16.60 -16.31
CA ASN F 4 14.31 16.73 -14.87
C ASN F 4 13.44 17.92 -14.50
N ILE F 5 13.05 17.99 -13.24
CA ILE F 5 12.12 18.99 -12.75
C ILE F 5 12.66 20.42 -12.85
N THR F 6 13.96 20.59 -12.67
CA THR F 6 14.58 21.92 -12.74
C THR F 6 14.47 22.49 -14.16
N ASP F 7 14.77 21.66 -15.15
CA ASP F 7 14.65 22.12 -16.53
C ASP F 7 13.18 22.33 -16.90
N LEU F 8 12.28 21.50 -16.37
CA LEU F 8 10.85 21.68 -16.62
C LEU F 8 10.36 23.00 -16.07
N CYS F 9 10.72 23.26 -14.82
CA CYS F 9 10.34 24.49 -14.16
C CYS F 9 10.78 25.71 -14.95
N ALA F 10 11.95 25.65 -15.56
CA ALA F 10 12.52 26.80 -16.27
C ALA F 10 11.80 27.13 -17.58
N GLU F 11 10.93 26.22 -18.06
CA GLU F 11 10.10 26.49 -19.24
C GLU F 11 8.93 27.42 -18.99
N TYR F 12 8.65 27.73 -17.73
CA TYR F 12 7.47 28.50 -17.36
C TYR F 12 7.86 29.83 -16.73
N HIS F 13 7.01 30.85 -16.93
CA HIS F 13 7.13 32.12 -16.21
C HIS F 13 6.56 31.97 -14.80
N ASN F 14 7.08 32.79 -13.89
CA ASN F 14 6.59 32.89 -12.52
C ASN F 14 6.73 31.60 -11.72
N THR F 15 7.76 30.82 -12.02
CA THR F 15 8.05 29.63 -11.23
C THR F 15 9.38 29.69 -10.49
N GLN F 16 9.54 28.78 -9.53
CA GLN F 16 10.77 28.60 -8.83
C GLN F 16 10.82 27.20 -8.24
N ILE F 17 12.05 26.73 -8.02
CA ILE F 17 12.28 25.40 -7.42
C ILE F 17 12.51 25.58 -5.91
N HIS F 18 11.88 24.72 -5.11
CA HIS F 18 12.23 24.58 -3.70
C HIS F 18 12.89 23.22 -3.54
N THR F 19 14.14 23.22 -3.07
CA THR F 19 14.83 21.99 -2.71
C THR F 19 14.60 21.71 -1.24
N LEU F 20 13.83 20.64 -0.99
CA LEU F 20 13.32 20.34 0.34
C LEU F 20 14.05 19.16 0.98
N ASN F 21 14.26 18.10 0.20
CA ASN F 21 14.85 16.87 0.71
C ASN F 21 14.28 16.47 2.08
N ASP F 22 12.97 16.43 2.18
CA ASP F 22 12.32 16.14 3.44
C ASP F 22 10.96 15.56 3.18
N LYS F 23 10.43 14.82 4.15
CA LYS F 23 9.05 14.37 4.08
C LYS F 23 8.07 15.50 4.37
N ILE F 24 6.83 15.30 3.93
CA ILE F 24 5.77 16.25 4.17
C ILE F 24 5.34 16.22 5.63
N PHE F 25 5.21 17.41 6.22
CA PHE F 25 4.87 17.51 7.63
C PHE F 25 3.37 17.42 7.84
N SER F 26 2.59 18.04 6.96
CA SER F 26 1.14 17.92 7.03
C SER F 26 0.50 17.96 5.67
N TYR F 27 -0.66 17.30 5.59
CA TYR F 27 -1.49 17.20 4.40
C TYR F 27 -2.91 17.56 4.77
N THR F 28 -3.47 18.51 4.02
CA THR F 28 -4.83 18.98 4.19
C THR F 28 -5.58 18.91 2.88
N GLU F 29 -6.79 18.40 2.91
CA GLU F 29 -7.62 18.34 1.73
C GLU F 29 -9.05 18.78 2.04
N SER F 30 -9.65 19.48 1.09
CA SER F 30 -10.96 20.09 1.26
C SER F 30 -11.90 19.77 0.11
N LEU F 31 -13.16 19.51 0.45
CA LEU F 31 -14.21 19.32 -0.54
C LEU F 31 -15.20 20.50 -0.50
N ALA F 32 -14.91 21.50 0.32
CA ALA F 32 -15.81 22.68 0.39
C ALA F 32 -15.89 23.43 -0.94
N GLY F 33 -17.07 23.95 -1.28
CA GLY F 33 -17.29 24.54 -2.58
C GLY F 33 -16.39 25.72 -2.82
N LYS F 34 -15.76 25.75 -4.00
CA LYS F 34 -14.77 26.74 -4.40
C LYS F 34 -13.44 26.67 -3.66
N ARG F 35 -13.29 25.68 -2.79
CA ARG F 35 -12.01 25.40 -2.12
C ARG F 35 -11.70 23.92 -2.20
N GLU F 36 -11.90 23.34 -3.37
CA GLU F 36 -11.60 21.92 -3.62
C GLU F 36 -10.11 21.84 -3.95
N MET F 37 -9.32 21.73 -2.91
CA MET F 37 -7.86 21.90 -3.00
C MET F 37 -7.16 21.04 -1.95
N ALA F 38 -5.83 20.96 -2.07
CA ALA F 38 -4.97 20.35 -1.07
C ALA F 38 -3.88 21.36 -0.69
N ILE F 39 -3.43 21.26 0.55
CA ILE F 39 -2.34 22.08 1.09
C ILE F 39 -1.37 21.16 1.81
N ILE F 40 -0.08 21.31 1.53
CA ILE F 40 0.94 20.61 2.30
C ILE F 40 1.86 21.62 2.99
N THR F 41 2.44 21.20 4.11
CA THR F 41 3.48 21.96 4.77
C THR F 41 4.67 21.10 5.07
N PHE F 42 5.81 21.75 5.23
CA PHE F 42 7.02 21.08 5.67
C PHE F 42 7.41 21.63 7.05
N LYS F 43 8.31 20.95 7.72
CA LYS F 43 8.62 21.30 9.11
C LYS F 43 9.32 22.66 9.19
N ASN F 44 9.96 23.10 8.10
CA ASN F 44 10.54 24.45 8.03
C ASN F 44 9.50 25.57 7.81
N GLY F 45 8.21 25.24 7.86
CA GLY F 45 7.14 26.22 7.69
C GLY F 45 6.65 26.47 6.27
N ALA F 46 7.37 25.95 5.28
CA ALA F 46 6.99 26.15 3.90
C ALA F 46 5.62 25.53 3.67
N THR F 47 4.74 26.28 3.02
CA THR F 47 3.38 25.85 2.73
C THR F 47 3.10 25.97 1.26
N PHE F 48 2.48 24.94 0.66
CA PHE F 48 2.16 24.94 -0.77
C PHE F 48 0.76 24.39 -1.01
N GLN F 49 0.15 24.85 -2.10
CA GLN F 49 -1.18 24.38 -2.48
C GLN F 49 -1.15 23.66 -3.82
N VAL F 50 -2.13 22.80 -4.02
CA VAL F 50 -2.57 22.46 -5.36
C VAL F 50 -3.83 23.31 -5.58
N GLU F 51 -3.78 24.16 -6.56
CA GLU F 51 -4.85 25.11 -6.82
C GLU F 51 -6.18 24.43 -7.16
N VAL F 52 -7.26 25.09 -6.73
CA VAL F 52 -8.58 24.77 -7.18
C VAL F 52 -8.60 24.87 -8.71
N PRO F 53 -9.10 23.85 -9.40
CA PRO F 53 -9.19 23.92 -10.88
C PRO F 53 -10.03 25.12 -11.32
N GLY F 54 -9.53 25.88 -12.28
CA GLY F 54 -10.22 27.08 -12.73
C GLY F 54 -9.84 27.49 -14.13
N SER F 55 -10.17 28.74 -14.47
CA SER F 55 -10.01 29.20 -15.85
C SER F 55 -8.54 29.37 -16.23
N GLN F 56 -7.65 29.41 -15.25
CA GLN F 56 -6.21 29.44 -15.51
C GLN F 56 -5.62 28.11 -15.98
N HIS F 57 -6.44 27.05 -15.94
CA HIS F 57 -5.99 25.72 -16.30
C HIS F 57 -6.57 25.31 -17.65
N ILE F 58 -5.78 24.61 -18.45
CA ILE F 58 -6.30 24.07 -19.70
C ILE F 58 -6.81 22.64 -19.44
N ASP F 59 -7.62 22.13 -20.37
CA ASP F 59 -8.31 20.86 -20.17
C ASP F 59 -7.36 19.70 -19.84
N SER F 60 -6.21 19.68 -20.51
CA SER F 60 -5.21 18.63 -20.33
C SER F 60 -4.62 18.58 -18.90
N GLN F 61 -4.76 19.66 -18.14
CA GLN F 61 -4.25 19.73 -16.78
C GLN F 61 -5.21 19.12 -15.76
N LYS F 62 -6.48 18.93 -16.10
CA LYS F 62 -7.48 18.52 -15.11
C LYS F 62 -7.16 17.17 -14.44
N LYS F 63 -6.82 16.17 -15.25
CA LYS F 63 -6.46 14.84 -14.75
C LYS F 63 -5.14 14.91 -13.94
N ALA F 64 -4.23 15.78 -14.36
CA ALA F 64 -2.90 15.94 -13.73
C ALA F 64 -3.04 16.60 -12.37
N ILE F 65 -3.97 17.53 -12.23
CA ILE F 65 -4.23 18.16 -10.93
C ILE F 65 -4.73 17.10 -9.95
N GLU F 66 -5.62 16.24 -10.42
CA GLU F 66 -6.15 15.18 -9.56
C GLU F 66 -5.06 14.20 -9.19
N ARG F 67 -4.19 13.86 -10.13
CA ARG F 67 -3.10 12.93 -9.88
C ARG F 67 -2.16 13.52 -8.84
N MET F 68 -1.89 14.82 -8.95
CA MET F 68 -0.95 15.47 -8.03
C MET F 68 -1.46 15.38 -6.61
N LYS F 69 -2.76 15.57 -6.41
CA LYS F 69 -3.31 15.44 -5.07
C LYS F 69 -3.17 13.99 -4.57
N ASP F 70 -3.34 13.03 -5.48
CA ASP F 70 -3.14 11.61 -5.12
C ASP F 70 -1.69 11.42 -4.66
N THR F 71 -0.75 12.00 -5.42
CA THR F 71 0.69 11.83 -5.17
C THR F 71 1.07 12.44 -3.84
N LEU F 72 0.56 13.63 -3.55
CA LEU F 72 0.88 14.28 -2.27
C LEU F 72 0.34 13.49 -1.08
N ARG F 73 -0.88 12.99 -1.23
CA ARG F 73 -1.51 12.20 -0.15
C ARG F 73 -0.68 10.98 0.16
N ILE F 74 -0.32 10.20 -0.86
CA ILE F 74 0.46 9.00 -0.59
C ILE F 74 1.92 9.32 -0.16
N ALA F 75 2.52 10.35 -0.73
CA ALA F 75 3.83 10.80 -0.24
C ALA F 75 3.78 11.10 1.26
N TYR F 76 2.75 11.83 1.69
CA TYR F 76 2.61 12.18 3.08
C TYR F 76 2.46 10.90 3.92
N LEU F 77 1.57 10.02 3.47
CA LEU F 77 1.24 8.87 4.28
C LEU F 77 2.39 7.89 4.43
N THR F 78 3.24 7.81 3.42
CA THR F 78 4.39 6.90 3.43
C THR F 78 5.67 7.54 3.93
N GLU F 79 5.62 8.82 4.30
CA GLU F 79 6.82 9.57 4.73
C GLU F 79 7.88 9.62 3.63
N ALA F 80 7.44 9.64 2.39
CA ALA F 80 8.38 9.69 1.27
C ALA F 80 9.12 11.00 1.25
N LYS F 81 10.43 10.95 1.07
CA LYS F 81 11.23 12.16 0.96
C LYS F 81 10.90 12.88 -0.36
N VAL F 82 10.48 14.13 -0.23
CA VAL F 82 10.30 15.02 -1.37
C VAL F 82 11.64 15.67 -1.66
N GLU F 83 12.13 15.51 -2.88
CA GLU F 83 13.37 16.15 -3.30
C GLU F 83 13.12 17.63 -3.58
N LYS F 84 12.35 17.90 -4.62
CA LYS F 84 12.10 19.27 -5.06
C LYS F 84 10.64 19.46 -5.40
N LEU F 85 10.17 20.70 -5.26
CA LEU F 85 8.92 21.15 -5.85
C LEU F 85 9.21 22.30 -6.82
N CYS F 86 8.50 22.30 -7.94
CA CYS F 86 8.44 23.44 -8.84
C CYS F 86 7.10 24.11 -8.54
N VAL F 87 7.11 25.42 -8.25
CA VAL F 87 5.90 26.10 -7.83
C VAL F 87 5.79 27.45 -8.53
N TRP F 88 4.55 27.91 -8.63
CA TRP F 88 4.28 29.26 -9.14
C TRP F 88 4.33 30.21 -7.97
N ASN F 89 5.14 31.26 -8.11
CA ASN F 89 5.35 32.19 -7.02
C ASN F 89 4.52 33.47 -7.19
N ASN F 90 3.54 33.41 -8.08
CA ASN F 90 2.57 34.49 -8.20
C ASN F 90 1.23 34.09 -7.60
N LYS F 91 1.27 33.07 -6.72
CA LYS F 91 0.15 32.66 -5.89
C LYS F 91 0.65 32.53 -4.46
N THR F 92 -0.24 32.75 -3.51
CA THR F 92 0.08 32.64 -2.08
C THR F 92 -1.02 31.77 -1.46
N PRO F 93 -0.68 30.59 -0.93
CA PRO F 93 0.67 30.01 -0.95
C PRO F 93 1.05 29.65 -2.37
N HIS F 94 2.33 29.46 -2.58
CA HIS F 94 2.83 29.08 -3.86
C HIS F 94 2.15 27.79 -4.33
N ALA F 95 1.86 27.73 -5.64
CA ALA F 95 1.06 26.65 -6.23
C ALA F 95 1.95 25.60 -6.88
N ILE F 96 1.71 24.35 -6.58
CA ILE F 96 2.56 23.29 -7.11
C ILE F 96 2.33 23.03 -8.60
N ALA F 97 3.42 23.02 -9.37
CA ALA F 97 3.44 22.61 -10.76
C ALA F 97 4.02 21.21 -10.97
N ALA F 98 5.01 20.87 -10.18
CA ALA F 98 5.65 19.58 -10.30
C ALA F 98 6.30 19.16 -9.00
N ILE F 99 6.51 17.85 -8.87
CA ILE F 99 7.19 17.29 -7.71
C ILE F 99 8.19 16.24 -8.15
N SER F 100 9.30 16.17 -7.43
CA SER F 100 10.27 15.10 -7.60
C SER F 100 10.51 14.45 -6.25
N MET F 101 10.55 13.12 -6.25
CA MET F 101 10.81 12.34 -5.07
C MET F 101 12.06 11.51 -5.31
N ALA F 102 12.96 11.55 -4.34
CA ALA F 102 14.17 10.73 -4.35
C ALA F 102 14.68 10.55 -2.94
N ASN F 103 15.33 9.41 -2.72
CA ASN F 103 15.95 8.98 -1.45
C ASN F 103 15.12 7.96 -0.63
NA NA G . 2.57 -8.50 18.94
C1 GOL H . -5.35 -2.61 8.75
O1 GOL H . -6.00 -3.86 8.54
C2 GOL H . -4.00 -2.79 9.45
O2 GOL H . -3.82 -4.14 9.83
C3 GOL H . -3.80 -1.83 10.63
O3 GOL H . -2.84 -2.26 11.59
C1 GAL I . 4.84 7.05 -32.41
C2 GAL I . 6.03 7.91 -32.02
C3 GAL I . 6.66 7.39 -30.72
C4 GAL I . 5.59 7.29 -29.64
C5 GAL I . 4.40 6.48 -30.15
C6 GAL I . 3.31 6.41 -29.11
O1 GAL I . 4.26 7.62 -33.58
O2 GAL I . 6.99 7.94 -33.06
O3 GAL I . 7.71 8.23 -30.31
O4 GAL I . 5.19 8.60 -29.24
O5 GAL I . 3.89 7.05 -31.35
O6 GAL I . 2.29 5.53 -29.50
C1 GOL J . 17.25 7.29 -22.14
O1 GOL J . 16.57 8.52 -22.11
C2 GOL J . 18.69 7.49 -21.71
O2 GOL J . 18.80 7.94 -20.35
C3 GOL J . 19.42 6.18 -21.97
O3 GOL J . 20.47 6.09 -21.05
C1 GAL K . -15.14 -14.70 -26.09
C2 GAL K . -13.78 -15.25 -26.51
C3 GAL K . -12.85 -15.37 -25.29
C4 GAL K . -12.80 -14.03 -24.55
C5 GAL K . -14.21 -13.51 -24.31
C6 GAL K . -14.18 -12.12 -23.71
O1 GAL K . -15.96 -14.55 -27.23
O2 GAL K . -14.00 -16.51 -27.09
O3 GAL K . -11.57 -15.74 -25.72
O4 GAL K . -12.08 -13.06 -25.28
O5 GAL K . -14.93 -13.43 -25.53
O6 GAL K . -15.50 -11.83 -23.29
C1 GOL L . 7.69 -8.86 -6.18
O1 GOL L . 7.69 -10.25 -5.85
C2 GOL L . 7.44 -7.97 -4.97
O2 GOL L . 8.37 -8.30 -3.96
C3 GOL L . 7.59 -6.48 -5.31
O3 GOL L . 7.06 -5.68 -4.25
C1 GAL M . -33.41 -3.98 -4.70
C2 GAL M . -33.30 -5.51 -4.65
C3 GAL M . -32.06 -5.91 -3.86
C4 GAL M . -30.81 -5.16 -4.34
C5 GAL M . -31.09 -3.65 -4.51
C6 GAL M . -29.92 -2.91 -5.16
O1 GAL M . -34.56 -3.51 -5.42
O2 GAL M . -34.42 -6.08 -3.98
O3 GAL M . -31.88 -7.30 -3.91
O4 GAL M . -30.38 -5.67 -5.56
O5 GAL M . -32.23 -3.45 -5.32
O6 GAL M . -29.98 -1.54 -4.84
C1 GOL N . -25.47 -16.68 1.47
O1 GOL N . -24.84 -15.45 1.36
C2 GOL N . -25.18 -17.12 2.89
O2 GOL N . -25.04 -15.95 3.66
C3 GOL N . -23.87 -17.87 2.88
O3 GOL N . -23.12 -17.28 3.87
C1 GAL O . -24.33 23.68 2.59
C2 GAL O . -24.98 22.95 3.75
C3 GAL O . -23.94 22.13 4.51
C4 GAL O . -23.16 21.24 3.56
C5 GAL O . -22.65 22.05 2.36
C6 GAL O . -21.97 21.16 1.31
O1 GAL O . -25.31 24.41 1.88
O2 GAL O . -25.59 23.88 4.63
O3 GAL O . -24.59 21.35 5.49
O4 GAL O . -23.97 20.16 3.13
O5 GAL O . -23.71 22.75 1.73
O6 GAL O . -21.48 21.92 0.23
C1 GOL P . -20.94 14.81 15.90
O1 GOL P . -21.32 14.13 14.73
C2 GOL P . -19.95 14.04 16.77
O2 GOL P . -20.38 12.72 17.00
C3 GOL P . -19.75 14.75 18.10
O3 GOL P . -20.00 16.12 17.91
C1 GAL Q . -0.80 30.48 -14.87
C2 GAL Q . -0.66 31.23 -13.54
C3 GAL Q . -0.05 30.34 -12.45
C4 GAL Q . -0.76 28.99 -12.44
C5 GAL Q . -0.89 28.38 -13.84
C6 GAL Q . -1.74 27.11 -13.82
O1 GAL Q . -1.45 31.29 -15.86
O2 GAL Q . 0.12 32.42 -13.69
O3 GAL Q . -0.17 30.97 -11.19
O4 GAL Q . -2.06 29.13 -11.96
O5 GAL Q . -1.55 29.28 -14.69
O6 GAL Q . -1.55 26.42 -15.03
#